data_3X27
#
_entry.id   3X27
#
_cell.length_a   99.760
_cell.length_b   108.810
_cell.length_c   146.360
_cell.angle_alpha   90.00
_cell.angle_beta   90.00
_cell.angle_gamma   90.00
#
_symmetry.space_group_name_H-M   'P 21 21 21'
#
loop_
_entity.id
_entity.type
_entity.pdbx_description
1 polymer 'Cucumopine synthase'
2 non-polymer TRYPTOPHAN
3 water water
#
_entity_poly.entity_id   1
_entity_poly.type   'polypeptide(L)'
_entity_poly.pdbx_seq_one_letter_code
;(MSE)GSSHHHHHHSSGLVPRGSH(MSE)(MSE)RQIEIEWVQPGITVTADLSWERNPELAELLWTGLLPYNSLQNHALV
SGNHLYHLIADPRLVYTEARYKEDRTKSPDGTVFLSQLQHLAVKYGPLTEYLPAAPVGSVVPEDIDALREAGRACWKAAW
ETKQPIEVRVRRKGEAVTDFALPRTPPVDHPGVQKLVEEIQDETERVWITPPAEIVD(MSE)HQGRIASRAGSYDQYFST
LVFLNGEVRPLGYCALNGLLKICRTTDLTLNDLKRITPTFIKTPAEFLGYTGLDTLWRFTQQVLTLLPDVETREQYFALV
NALALYAN(MSE)LNTWNLHFFPWQHGTDYRYLDA
;
_entity_poly.pdbx_strand_id   A,B,C,D
#
# COMPACT_ATOMS: atom_id res chain seq x y z
N GLN A 24 1.69 16.04 -41.45
CA GLN A 24 2.04 15.05 -42.49
C GLN A 24 3.29 14.19 -42.24
N ILE A 25 3.15 12.87 -42.39
CA ILE A 25 4.26 11.93 -42.24
C ILE A 25 4.46 11.03 -43.48
N GLU A 26 5.64 10.43 -43.59
CA GLU A 26 5.88 9.42 -44.62
C GLU A 26 6.12 8.05 -44.00
N ILE A 27 5.64 7.02 -44.70
CA ILE A 27 5.81 5.65 -44.24
C ILE A 27 6.49 4.86 -45.35
N GLU A 28 7.76 4.52 -45.12
CA GLU A 28 8.56 3.80 -46.09
C GLU A 28 8.72 2.31 -45.75
N TRP A 29 8.11 1.46 -46.56
CA TRP A 29 8.42 0.04 -46.51
C TRP A 29 9.61 -0.26 -47.42
N VAL A 30 10.73 -0.59 -46.80
CA VAL A 30 11.99 -0.66 -47.52
C VAL A 30 12.01 -1.76 -48.58
N GLN A 31 11.91 -3.02 -48.15
CA GLN A 31 11.98 -4.15 -49.10
C GLN A 31 11.00 -4.07 -50.28
N PRO A 32 9.71 -3.75 -50.04
CA PRO A 32 8.81 -3.52 -51.18
C PRO A 32 9.11 -2.22 -51.95
N GLY A 33 9.89 -1.32 -51.34
CA GLY A 33 10.21 -0.05 -51.93
C GLY A 33 8.99 0.82 -52.17
N ILE A 34 8.15 0.96 -51.15
CA ILE A 34 6.95 1.77 -51.29
C ILE A 34 6.88 2.82 -50.19
N THR A 35 6.60 4.06 -50.58
CA THR A 35 6.43 5.11 -49.59
C THR A 35 5.06 5.73 -49.77
N VAL A 36 4.40 6.01 -48.66
CA VAL A 36 3.11 6.69 -48.68
C VAL A 36 3.17 7.89 -47.74
N THR A 37 2.24 8.81 -47.90
CA THR A 37 2.18 10.00 -47.05
C THR A 37 0.84 10.01 -46.34
N ALA A 38 0.86 10.38 -45.07
CA ALA A 38 -0.34 10.41 -44.23
C ALA A 38 -0.49 11.75 -43.55
N ASP A 39 -1.73 12.22 -43.47
CA ASP A 39 -2.02 13.43 -42.74
C ASP A 39 -2.26 13.10 -41.26
N LEU A 40 -1.55 13.79 -40.37
CA LEU A 40 -1.80 13.68 -38.95
C LEU A 40 -2.93 14.63 -38.55
N SER A 41 -3.72 14.24 -37.55
CA SER A 41 -4.80 15.09 -37.08
C SER A 41 -4.79 15.19 -35.55
N TRP A 42 -4.93 16.41 -35.05
CA TRP A 42 -4.95 16.67 -33.61
C TRP A 42 -6.39 16.90 -33.19
N GLU A 43 -7.30 16.79 -34.14
CA GLU A 43 -8.70 17.11 -33.89
C GLU A 43 -9.37 16.22 -32.84
N ARG A 44 -9.17 14.91 -32.93
CA ARG A 44 -9.89 13.95 -32.09
C ARG A 44 -9.03 13.32 -31.00
N ASN A 45 -7.76 13.10 -31.29
CA ASN A 45 -6.86 12.50 -30.31
C ASN A 45 -5.57 13.29 -30.24
N PRO A 46 -5.67 14.53 -29.78
CA PRO A 46 -4.52 15.44 -29.81
C PRO A 46 -3.31 14.92 -29.03
N GLU A 47 -3.52 14.28 -27.88
CA GLU A 47 -2.39 13.79 -27.11
C GLU A 47 -1.58 12.74 -27.86
N LEU A 48 -2.28 11.81 -28.52
CA LEU A 48 -1.61 10.79 -29.32
C LEU A 48 -0.92 11.37 -30.57
N ALA A 49 -1.59 12.28 -31.27
CA ALA A 49 -0.98 12.95 -32.41
C ALA A 49 0.30 13.68 -32.00
N GLU A 50 0.18 14.46 -30.93
CA GLU A 50 1.30 15.18 -30.35
C GLU A 50 2.43 14.23 -29.91
N LEU A 51 2.06 13.05 -29.38
CA LEU A 51 3.05 12.05 -28.98
C LEU A 51 3.83 11.49 -30.17
N LEU A 52 3.14 11.10 -31.22
CA LEU A 52 3.79 10.66 -32.45
C LEU A 52 4.66 11.77 -33.05
N TRP A 53 4.05 12.93 -33.31
CA TRP A 53 4.74 14.05 -33.94
C TRP A 53 5.98 14.52 -33.20
N THR A 54 5.86 14.68 -31.88
CA THR A 54 6.95 15.27 -31.09
C THR A 54 7.89 14.26 -30.45
N GLY A 55 7.34 13.18 -29.89
CA GLY A 55 8.13 12.24 -29.13
C GLY A 55 8.62 10.96 -29.80
N LEU A 56 7.89 10.49 -30.83
CA LEU A 56 8.18 9.18 -31.43
C LEU A 56 8.96 9.26 -32.76
N LEU A 57 8.65 10.26 -33.58
CA LEU A 57 9.27 10.40 -34.89
C LEU A 57 10.66 11.03 -34.81
N PRO A 58 11.58 10.59 -35.69
CA PRO A 58 11.38 9.48 -36.63
C PRO A 58 11.88 8.19 -35.99
N TYR A 59 11.38 7.05 -36.47
CA TYR A 59 11.77 5.74 -35.95
C TYR A 59 11.75 4.73 -37.08
N ASN A 60 12.32 3.56 -36.83
CA ASN A 60 12.06 2.39 -37.68
C ASN A 60 11.46 1.24 -36.86
N SER A 61 10.99 0.21 -37.56
CA SER A 61 10.46 -0.97 -36.90
C SER A 61 10.37 -2.14 -37.86
N LEU A 62 10.11 -3.32 -37.30
CA LEU A 62 9.76 -4.49 -38.09
C LEU A 62 8.26 -4.47 -38.40
N GLN A 63 7.92 -4.52 -39.68
CA GLN A 63 6.54 -4.36 -40.10
C GLN A 63 5.85 -5.71 -40.13
N ASN A 64 4.85 -5.87 -39.27
CA ASN A 64 4.02 -7.06 -39.25
C ASN A 64 2.72 -6.86 -40.01
N HIS A 65 2.07 -7.98 -40.31
CA HIS A 65 0.74 -7.98 -40.87
C HIS A 65 -0.13 -8.72 -39.85
N ALA A 66 -1.32 -8.22 -39.55
CA ALA A 66 -2.22 -8.94 -38.65
C ALA A 66 -2.58 -10.31 -39.24
N LEU A 67 -2.58 -11.33 -38.39
CA LEU A 67 -2.93 -12.69 -38.81
C LEU A 67 -4.37 -13.04 -38.49
N VAL A 68 -4.99 -12.29 -37.59
CA VAL A 68 -6.40 -12.53 -37.25
C VAL A 68 -7.32 -11.41 -37.77
N SER A 69 -6.91 -10.17 -37.55
CA SER A 69 -7.81 -9.01 -37.68
C SER A 69 -8.24 -8.65 -39.11
N GLY A 70 -7.52 -9.15 -40.11
CA GLY A 70 -7.80 -8.83 -41.50
C GLY A 70 -6.69 -8.02 -42.17
N ASN A 71 -7.03 -7.23 -43.17
CA ASN A 71 -6.02 -6.44 -43.89
C ASN A 71 -5.51 -5.25 -43.06
N HIS A 72 -4.71 -5.57 -42.04
CA HIS A 72 -4.27 -4.61 -41.04
C HIS A 72 -2.76 -4.72 -40.92
N LEU A 73 -2.07 -3.58 -40.91
CA LEU A 73 -0.63 -3.57 -40.72
C LEU A 73 -0.28 -2.92 -39.39
N TYR A 74 0.55 -3.58 -38.59
CA TYR A 74 1.02 -2.93 -37.38
C TYR A 74 2.48 -3.21 -37.12
N HIS A 75 3.15 -2.26 -36.47
CA HIS A 75 4.54 -2.41 -36.11
C HIS A 75 4.80 -1.80 -34.74
N LEU A 76 5.80 -2.34 -34.05
CA LEU A 76 6.10 -1.93 -32.68
C LEU A 76 6.85 -0.60 -32.67
N ILE A 77 6.45 0.29 -31.77
CA ILE A 77 7.20 1.52 -31.54
C ILE A 77 7.87 1.41 -30.18
N ALA A 78 9.19 1.54 -30.16
CA ALA A 78 9.98 1.38 -28.95
C ALA A 78 9.90 2.61 -28.01
N ASP A 79 8.72 2.80 -27.41
CA ASP A 79 8.50 3.90 -26.49
C ASP A 79 7.38 3.56 -25.47
N PRO A 80 7.69 3.60 -24.18
CA PRO A 80 6.75 3.18 -23.13
C PRO A 80 5.49 4.04 -23.04
N ARG A 81 5.54 5.27 -23.55
CA ARG A 81 4.41 6.18 -23.44
C ARG A 81 3.16 5.65 -24.13
N LEU A 82 3.35 4.86 -25.19
CA LEU A 82 2.23 4.28 -25.92
C LEU A 82 1.39 3.35 -25.04
N VAL A 83 2.04 2.70 -24.07
CA VAL A 83 1.34 1.80 -23.14
C VAL A 83 0.26 2.49 -22.33
N TYR A 84 0.53 3.71 -21.86
CA TYR A 84 -0.38 4.36 -20.93
C TYR A 84 -1.01 5.67 -21.40
N THR A 85 -0.67 6.13 -22.60
CA THR A 85 -1.31 7.34 -23.09
C THR A 85 -2.73 7.04 -23.57
N GLU A 86 -3.70 7.79 -23.06
CA GLU A 86 -5.10 7.56 -23.38
C GLU A 86 -5.55 8.29 -24.65
N ALA A 87 -6.53 7.70 -25.32
CA ALA A 87 -7.14 8.36 -26.46
C ALA A 87 -8.40 9.05 -25.98
N ARG A 88 -8.76 10.15 -26.65
CA ARG A 88 -10.02 10.81 -26.35
C ARG A 88 -11.14 10.14 -27.10
N TYR A 89 -10.78 9.57 -28.25
CA TYR A 89 -11.75 9.12 -29.23
C TYR A 89 -11.40 7.76 -29.85
N LYS A 90 -12.27 6.80 -29.67
CA LYS A 90 -12.15 5.50 -30.32
C LYS A 90 -13.34 5.22 -31.23
N GLU A 91 -13.09 4.46 -32.30
CA GLU A 91 -14.16 4.01 -33.18
C GLU A 91 -13.97 2.52 -33.53
N ASP A 92 -15.07 1.85 -33.89
CA ASP A 92 -15.02 0.49 -34.41
C ASP A 92 -14.08 0.45 -35.61
N ARG A 93 -12.95 -0.23 -35.49
CA ARG A 93 -11.93 -0.18 -36.55
C ARG A 93 -12.40 -0.76 -37.88
N THR A 94 -13.38 -1.67 -37.85
CA THR A 94 -13.89 -2.22 -39.10
C THR A 94 -14.64 -1.18 -39.90
N LYS A 95 -15.23 -0.20 -39.22
CA LYS A 95 -15.97 0.88 -39.88
C LYS A 95 -15.06 2.00 -40.39
N SER A 96 -13.79 1.95 -40.01
CA SER A 96 -12.83 2.96 -40.45
C SER A 96 -12.49 2.82 -41.93
N PRO A 97 -12.40 3.95 -42.64
CA PRO A 97 -12.00 3.97 -44.05
C PRO A 97 -10.59 3.38 -44.25
N ASP A 98 -10.33 2.75 -45.39
CA ASP A 98 -8.98 2.24 -45.66
C ASP A 98 -8.03 3.42 -45.67
N GLY A 99 -6.82 3.21 -45.17
CA GLY A 99 -5.86 4.30 -45.04
C GLY A 99 -5.80 4.92 -43.65
N THR A 100 -6.80 4.64 -42.81
CA THR A 100 -6.82 5.19 -41.44
C THR A 100 -5.59 4.72 -40.63
N VAL A 101 -4.93 5.65 -39.96
CA VAL A 101 -3.79 5.34 -39.11
C VAL A 101 -4.16 5.40 -37.61
N PHE A 102 -3.75 4.40 -36.83
CA PHE A 102 -4.08 4.32 -35.40
C PHE A 102 -2.84 4.28 -34.50
N LEU A 103 -3.04 4.61 -33.22
CA LEU A 103 -2.04 4.30 -32.20
C LEU A 103 -2.72 3.53 -31.06
N SER A 104 -2.09 2.45 -30.62
CA SER A 104 -2.64 1.63 -29.55
C SER A 104 -1.69 1.41 -28.36
N GLN A 105 -2.27 1.01 -27.23
CA GLN A 105 -1.51 0.74 -26.02
C GLN A 105 -0.79 -0.62 -26.06
N LEU A 106 -0.92 -1.32 -27.18
CA LEU A 106 -0.05 -2.45 -27.48
C LEU A 106 1.25 -1.94 -28.10
N GLN A 107 1.46 -0.63 -28.06
CA GLN A 107 2.63 0.03 -28.65
C GLN A 107 2.74 -0.16 -30.16
N HIS A 108 1.61 -0.14 -30.85
CA HIS A 108 1.57 -0.18 -32.30
C HIS A 108 1.19 1.15 -32.89
N LEU A 109 1.74 1.42 -34.07
CA LEU A 109 1.06 2.28 -35.04
C LEU A 109 0.42 1.28 -36.03
N ALA A 110 -0.83 1.52 -36.40
CA ALA A 110 -1.54 0.60 -37.27
C ALA A 110 -2.17 1.32 -38.46
N VAL A 111 -2.24 0.63 -39.61
CA VAL A 111 -2.91 1.18 -40.78
C VAL A 111 -3.82 0.14 -41.42
N LYS A 112 -5.11 0.46 -41.50
CA LYS A 112 -6.06 -0.35 -42.24
C LYS A 112 -5.83 -0.16 -43.74
N TYR A 113 -5.82 -1.25 -44.51
CA TYR A 113 -5.70 -1.13 -45.96
C TYR A 113 -6.77 -1.94 -46.69
N GLY A 114 -7.65 -2.57 -45.91
CA GLY A 114 -8.73 -3.37 -46.45
C GLY A 114 -9.63 -3.82 -45.33
N PRO A 115 -10.59 -4.72 -45.64
CA PRO A 115 -11.59 -5.13 -44.64
C PRO A 115 -10.99 -5.79 -43.39
N LEU A 116 -11.61 -5.52 -42.25
CA LEU A 116 -11.19 -6.04 -40.96
C LEU A 116 -12.36 -6.76 -40.33
N THR A 117 -12.06 -7.83 -39.59
CA THR A 117 -13.08 -8.54 -38.81
C THR A 117 -13.05 -8.09 -37.34
N GLU A 118 -11.85 -7.76 -36.84
CA GLU A 118 -11.71 -7.30 -35.46
C GLU A 118 -12.41 -5.97 -35.20
N TYR A 119 -13.50 -6.01 -34.42
CA TYR A 119 -14.35 -4.84 -34.24
C TYR A 119 -14.01 -4.09 -32.93
N LEU A 120 -12.86 -4.39 -32.36
CA LEU A 120 -12.41 -3.70 -31.16
C LEU A 120 -12.14 -2.22 -31.46
N PRO A 121 -12.46 -1.36 -30.49
CA PRO A 121 -12.26 0.08 -30.60
C PRO A 121 -10.79 0.41 -30.85
N ALA A 122 -10.57 1.41 -31.69
CA ALA A 122 -9.22 1.83 -31.98
C ALA A 122 -9.13 3.35 -31.96
N ALA A 123 -7.93 3.87 -31.77
CA ALA A 123 -7.73 5.31 -31.71
C ALA A 123 -7.10 5.82 -33.00
N PRO A 124 -7.91 6.46 -33.86
CA PRO A 124 -7.36 7.04 -35.08
C PRO A 124 -6.55 8.30 -34.80
N VAL A 125 -5.47 8.52 -35.55
CA VAL A 125 -4.68 9.75 -35.45
C VAL A 125 -4.46 10.39 -36.82
N GLY A 126 -4.93 9.72 -37.87
CA GLY A 126 -4.85 10.29 -39.20
C GLY A 126 -5.15 9.29 -40.29
N SER A 127 -4.74 9.61 -41.51
CA SER A 127 -5.00 8.74 -42.65
C SER A 127 -4.02 8.98 -43.81
N VAL A 128 -3.71 7.89 -44.52
CA VAL A 128 -2.89 7.99 -45.71
C VAL A 128 -3.66 8.83 -46.74
N VAL A 129 -2.97 9.75 -47.41
CA VAL A 129 -3.59 10.60 -48.43
C VAL A 129 -4.27 9.77 -49.50
N PRO A 130 -5.42 10.28 -50.01
CA PRO A 130 -6.22 9.56 -51.01
C PRO A 130 -5.41 9.12 -52.23
N GLU A 131 -4.39 9.90 -52.57
CA GLU A 131 -3.53 9.59 -53.71
C GLU A 131 -2.66 8.34 -53.48
N ASP A 132 -2.47 7.97 -52.22
CA ASP A 132 -1.52 6.91 -51.88
C ASP A 132 -2.16 5.59 -51.47
N ILE A 133 -3.48 5.52 -51.52
CA ILE A 133 -4.19 4.32 -51.08
C ILE A 133 -3.81 3.05 -51.88
N ASP A 134 -3.72 3.15 -53.20
CA ASP A 134 -3.36 2.00 -54.04
C ASP A 134 -1.98 1.50 -53.66
N ALA A 135 -1.05 2.43 -53.51
CA ALA A 135 0.29 2.11 -53.01
C ALA A 135 0.24 1.37 -51.68
N LEU A 136 -0.65 1.82 -50.79
CA LEU A 136 -0.80 1.25 -49.46
C LEU A 136 -1.26 -0.21 -49.54
N ARG A 137 -2.39 -0.44 -50.24
CA ARG A 137 -2.92 -1.79 -50.42
C ARG A 137 -1.89 -2.71 -51.06
N GLU A 138 -1.20 -2.19 -52.07
CA GLU A 138 -0.11 -2.92 -52.70
C GLU A 138 0.98 -3.28 -51.68
N ALA A 139 1.32 -2.33 -50.81
CA ALA A 139 2.32 -2.56 -49.77
C ALA A 139 1.83 -3.58 -48.72
N GLY A 140 0.55 -3.48 -48.37
CA GLY A 140 -0.07 -4.43 -47.45
C GLY A 140 -0.01 -5.87 -47.96
N ARG A 141 -0.14 -6.05 -49.28
CA ARG A 141 -0.07 -7.36 -49.89
C ARG A 141 1.35 -7.88 -49.91
N ALA A 142 2.30 -6.96 -50.05
CA ALA A 142 3.71 -7.32 -49.99
C ALA A 142 4.07 -7.79 -48.59
N CYS A 143 3.45 -7.17 -47.59
CA CYS A 143 3.68 -7.48 -46.17
C CYS A 143 2.99 -8.79 -45.78
N TRP A 144 1.83 -9.03 -46.35
CA TRP A 144 1.14 -10.29 -46.12
C TRP A 144 1.95 -11.44 -46.73
N LYS A 145 2.44 -11.23 -47.95
CA LYS A 145 3.23 -12.25 -48.64
C LYS A 145 4.48 -12.61 -47.86
N ALA A 146 5.11 -11.61 -47.26
CA ALA A 146 6.28 -11.85 -46.44
C ALA A 146 6.01 -12.72 -45.23
N ALA A 147 4.87 -12.52 -44.56
CA ALA A 147 4.53 -13.29 -43.36
C ALA A 147 3.93 -14.67 -43.68
N TRP A 148 3.25 -14.76 -44.82
CA TRP A 148 2.59 -15.99 -45.23
C TRP A 148 3.54 -16.95 -45.95
N GLU A 149 4.52 -16.41 -46.67
CA GLU A 149 5.33 -17.22 -47.58
C GLU A 149 6.84 -17.01 -47.50
N THR A 150 7.32 -15.84 -47.90
CA THR A 150 8.75 -15.67 -48.14
C THR A 150 9.59 -15.60 -46.87
N LYS A 151 8.98 -15.11 -45.79
CA LYS A 151 9.67 -14.85 -44.53
C LYS A 151 10.70 -13.72 -44.63
N GLN A 152 10.58 -12.89 -45.67
CA GLN A 152 11.47 -11.74 -45.81
C GLN A 152 11.15 -10.64 -44.78
N PRO A 153 12.08 -10.40 -43.84
CA PRO A 153 11.78 -9.31 -42.88
C PRO A 153 11.62 -7.97 -43.63
N ILE A 154 10.53 -7.28 -43.33
CA ILE A 154 10.25 -5.99 -43.96
C ILE A 154 10.46 -4.83 -42.99
N GLU A 155 11.43 -3.99 -43.30
CA GLU A 155 11.73 -2.82 -42.48
C GLU A 155 10.83 -1.65 -42.85
N VAL A 156 10.29 -0.97 -41.84
CA VAL A 156 9.52 0.23 -42.07
C VAL A 156 10.22 1.43 -41.43
N ARG A 157 10.23 2.54 -42.16
CA ARG A 157 10.81 3.79 -41.68
C ARG A 157 9.71 4.84 -41.67
N VAL A 158 9.56 5.50 -40.54
CA VAL A 158 8.54 6.53 -40.37
C VAL A 158 9.22 7.79 -39.91
N ARG A 159 8.85 8.91 -40.50
CA ARG A 159 9.53 10.17 -40.22
C ARG A 159 8.63 11.33 -40.63
N ARG A 160 8.95 12.52 -40.15
CA ARG A 160 8.24 13.73 -40.56
C ARG A 160 8.43 13.98 -42.06
N LYS A 161 7.35 14.39 -42.72
CA LYS A 161 7.35 14.72 -44.14
C LYS A 161 8.51 15.65 -44.51
N GLY A 162 9.41 15.17 -45.37
CA GLY A 162 10.51 15.99 -45.82
C GLY A 162 11.57 16.25 -44.77
N GLU A 163 11.98 15.17 -44.10
CA GLU A 163 13.05 15.23 -43.11
C GLU A 163 13.79 13.91 -43.16
N ALA A 164 14.97 13.94 -43.76
CA ALA A 164 15.74 12.72 -43.99
C ALA A 164 16.35 12.20 -42.69
N VAL A 165 16.51 10.88 -42.63
CA VAL A 165 17.10 10.23 -41.48
C VAL A 165 18.11 9.19 -41.98
N THR A 166 19.33 9.23 -41.44
CA THR A 166 20.31 8.18 -41.67
C THR A 166 20.82 7.76 -40.31
N ASP A 167 19.89 7.72 -39.36
CA ASP A 167 20.17 7.43 -37.97
C ASP A 167 18.90 6.91 -37.31
N PHE A 168 18.71 5.60 -37.32
CA PHE A 168 17.66 5.02 -36.51
C PHE A 168 18.28 4.24 -35.36
N ALA A 169 17.92 4.64 -34.15
CA ALA A 169 18.39 3.95 -32.97
C ALA A 169 17.24 3.97 -32.00
N LEU A 170 17.05 2.87 -31.25
CA LEU A 170 15.96 2.84 -30.28
C LEU A 170 16.22 3.87 -29.20
N PRO A 171 15.14 4.51 -28.71
CA PRO A 171 15.24 5.38 -27.53
C PRO A 171 15.93 4.66 -26.40
N ARG A 172 16.58 5.42 -25.53
CA ARG A 172 17.17 4.88 -24.31
C ARG A 172 16.60 5.68 -23.16
N THR A 173 15.95 5.01 -22.22
CA THR A 173 15.47 5.72 -21.03
C THR A 173 16.63 6.47 -20.40
N PRO A 174 16.35 7.67 -19.84
CA PRO A 174 17.36 8.47 -19.14
C PRO A 174 18.14 7.60 -18.17
N PRO A 175 19.44 7.83 -18.05
CA PRO A 175 20.27 7.04 -17.14
C PRO A 175 19.75 7.12 -15.69
N VAL A 176 20.11 6.12 -14.89
CA VAL A 176 19.56 6.01 -13.54
C VAL A 176 20.66 5.93 -12.47
N ASP A 177 20.42 6.61 -11.36
CA ASP A 177 21.41 6.71 -10.29
C ASP A 177 21.63 5.40 -9.56
N HIS A 178 22.11 4.39 -10.28
CA HIS A 178 22.27 3.06 -9.73
C HIS A 178 23.08 2.27 -10.74
N PRO A 179 24.39 2.11 -10.47
CA PRO A 179 25.31 1.40 -11.37
C PRO A 179 24.77 0.04 -11.78
N GLY A 180 24.18 -0.70 -10.85
CA GLY A 180 23.67 -2.02 -11.13
C GLY A 180 22.48 -2.01 -12.07
N VAL A 181 21.50 -1.15 -11.78
CA VAL A 181 20.30 -1.08 -12.59
C VAL A 181 20.64 -0.61 -13.99
N GLN A 182 21.33 0.53 -14.07
CA GLN A 182 21.68 1.15 -15.35
C GLN A 182 22.48 0.24 -16.29
N LYS A 183 23.44 -0.50 -15.74
CA LYS A 183 24.26 -1.43 -16.51
C LYS A 183 23.36 -2.48 -17.17
N LEU A 184 22.44 -3.02 -16.38
CA LEU A 184 21.53 -4.04 -16.87
C LEU A 184 20.56 -3.47 -17.90
N VAL A 185 20.07 -2.26 -17.67
CA VAL A 185 19.18 -1.56 -18.59
C VAL A 185 19.87 -1.38 -19.93
N GLU A 186 21.14 -0.99 -19.88
CA GLU A 186 21.87 -0.70 -21.10
C GLU A 186 22.05 -1.98 -21.90
N GLU A 187 22.50 -3.03 -21.22
CA GLU A 187 22.66 -4.35 -21.81
C GLU A 187 21.39 -4.86 -22.51
N ILE A 188 20.25 -4.73 -21.84
CA ILE A 188 19.00 -5.21 -22.41
C ILE A 188 18.55 -4.36 -23.62
N GLN A 189 18.66 -3.04 -23.48
CA GLN A 189 18.27 -2.13 -24.54
C GLN A 189 19.17 -2.30 -25.77
N ASP A 190 20.48 -2.43 -25.53
CA ASP A 190 21.44 -2.72 -26.58
C ASP A 190 20.99 -3.94 -27.37
N GLU A 191 20.77 -5.04 -26.67
CA GLU A 191 20.32 -6.28 -27.28
C GLU A 191 18.99 -6.10 -28.04
N THR A 192 18.05 -5.34 -27.46
CA THR A 192 16.79 -5.06 -28.14
C THR A 192 17.00 -4.36 -29.48
N GLU A 193 17.93 -3.40 -29.48
CA GLU A 193 18.30 -2.71 -30.70
C GLU A 193 18.96 -3.65 -31.71
N ARG A 194 19.95 -4.40 -31.24
CA ARG A 194 20.68 -5.34 -32.08
C ARG A 194 19.79 -6.17 -32.98
N VAL A 195 18.69 -6.69 -32.44
CA VAL A 195 17.81 -7.56 -33.21
C VAL A 195 16.46 -6.91 -33.57
N TRP A 196 16.44 -5.58 -33.60
CA TRP A 196 15.22 -4.81 -33.85
C TRP A 196 14.68 -5.06 -35.24
N ILE A 197 15.58 -5.02 -36.23
CA ILE A 197 15.20 -5.33 -37.62
C ILE A 197 16.07 -6.46 -38.17
N THR A 198 16.96 -6.97 -37.33
CA THR A 198 17.77 -8.15 -37.66
C THR A 198 17.19 -9.33 -36.91
N PRO A 199 16.90 -10.43 -37.63
CA PRO A 199 16.30 -11.61 -36.98
C PRO A 199 17.18 -12.14 -35.83
N PRO A 200 16.59 -12.26 -34.64
CA PRO A 200 17.23 -12.89 -33.47
C PRO A 200 17.41 -14.38 -33.73
N ALA A 201 18.64 -14.85 -33.53
CA ALA A 201 19.04 -16.22 -33.79
C ALA A 201 18.27 -17.24 -32.96
N GLU A 202 18.00 -16.90 -31.70
CA GLU A 202 17.25 -17.80 -30.81
C GLU A 202 15.82 -18.02 -31.33
N ILE A 203 15.25 -17.02 -31.99
CA ILE A 203 13.95 -17.17 -32.66
C ILE A 203 14.09 -17.97 -33.96
N VAL A 204 15.05 -17.60 -34.81
CA VAL A 204 15.28 -18.32 -36.07
C VAL A 204 15.58 -19.80 -35.84
N ASP A 205 16.36 -20.10 -34.82
CA ASP A 205 16.77 -21.47 -34.55
C ASP A 205 15.60 -22.37 -34.19
N HIS A 207 12.48 -22.08 -34.96
CA HIS A 207 11.64 -22.32 -36.13
C HIS A 207 12.26 -23.35 -37.08
N GLN A 208 13.59 -23.48 -37.03
CA GLN A 208 14.29 -24.45 -37.87
C GLN A 208 14.61 -25.74 -37.09
N GLY A 209 14.13 -25.85 -35.87
CA GLY A 209 14.32 -27.06 -35.07
C GLY A 209 15.66 -27.19 -34.39
N ARG A 210 16.44 -26.12 -34.36
CA ARG A 210 17.74 -26.18 -33.70
C ARG A 210 17.53 -25.79 -32.25
N ILE A 211 17.17 -26.78 -31.44
CA ILE A 211 16.77 -26.55 -30.06
C ILE A 211 17.51 -27.48 -29.10
N ALA A 212 18.45 -26.90 -28.36
CA ALA A 212 19.31 -27.61 -27.42
C ALA A 212 18.61 -28.56 -26.45
N SER A 213 17.40 -28.21 -26.01
CA SER A 213 16.71 -29.00 -24.98
C SER A 213 15.81 -30.08 -25.59
N ARG A 214 15.68 -30.06 -26.91
CA ARG A 214 14.78 -30.96 -27.65
C ARG A 214 13.31 -30.82 -27.26
N ALA A 215 12.94 -29.63 -26.78
CA ALA A 215 11.59 -29.35 -26.32
C ALA A 215 10.51 -29.76 -27.33
N GLY A 216 9.46 -30.40 -26.84
CA GLY A 216 8.39 -30.90 -27.68
C GLY A 216 8.20 -32.39 -27.42
N SER A 217 6.97 -32.80 -27.19
CA SER A 217 6.71 -34.19 -26.89
C SER A 217 6.87 -35.04 -28.16
N TYR A 218 7.30 -36.28 -27.98
CA TYR A 218 7.42 -37.25 -29.07
C TYR A 218 8.22 -36.79 -30.31
N ASP A 219 9.34 -36.12 -30.04
CA ASP A 219 10.38 -35.84 -31.04
C ASP A 219 9.97 -34.84 -32.12
N GLN A 220 8.91 -34.09 -31.88
CA GLN A 220 8.53 -33.03 -32.81
C GLN A 220 8.52 -31.68 -32.09
N TYR A 221 8.72 -30.59 -32.82
CA TYR A 221 8.78 -29.26 -32.19
C TYR A 221 7.72 -28.28 -32.70
N PHE A 222 6.73 -28.80 -33.44
CA PHE A 222 5.62 -27.96 -33.87
C PHE A 222 4.87 -27.34 -32.69
N SER A 223 4.52 -28.16 -31.71
CA SER A 223 3.87 -27.71 -30.49
C SER A 223 4.72 -26.66 -29.77
N THR A 224 6.04 -26.89 -29.76
CA THR A 224 6.97 -25.98 -29.12
C THR A 224 6.84 -24.58 -29.73
N LEU A 225 6.69 -24.53 -31.06
CA LEU A 225 6.49 -23.26 -31.76
C LEU A 225 5.18 -22.58 -31.38
N VAL A 226 4.14 -23.37 -31.16
CA VAL A 226 2.86 -22.83 -30.75
C VAL A 226 2.97 -22.25 -29.34
N PHE A 227 3.65 -22.96 -28.44
CA PHE A 227 3.88 -22.44 -27.10
C PHE A 227 4.81 -21.22 -27.10
N LEU A 228 5.84 -21.25 -27.94
CA LEU A 228 6.72 -20.09 -28.15
C LEU A 228 5.88 -18.87 -28.54
N ASN A 229 5.15 -19.03 -29.64
CA ASN A 229 4.26 -17.99 -30.12
C ASN A 229 3.26 -17.54 -29.04
N GLY A 230 2.76 -18.50 -28.27
CA GLY A 230 1.72 -18.23 -27.30
C GLY A 230 2.14 -17.53 -26.03
N GLU A 231 3.30 -17.88 -25.48
CA GLU A 231 3.72 -17.36 -24.19
C GLU A 231 4.41 -15.99 -24.25
N VAL A 232 5.19 -15.76 -25.31
CA VAL A 232 5.92 -14.52 -25.47
C VAL A 232 4.97 -13.34 -25.56
N ARG A 233 3.90 -13.47 -26.34
CA ARG A 233 3.03 -12.34 -26.63
C ARG A 233 2.38 -11.69 -25.37
N PRO A 234 1.63 -12.45 -24.56
CA PRO A 234 1.04 -11.84 -23.34
C PRO A 234 2.12 -11.41 -22.34
N LEU A 235 3.25 -12.09 -22.31
CA LEU A 235 4.27 -11.78 -21.34
C LEU A 235 4.74 -10.35 -21.58
N GLY A 236 4.86 -9.98 -22.85
CA GLY A 236 5.20 -8.63 -23.24
C GLY A 236 4.07 -7.62 -23.08
N TYR A 237 2.94 -7.87 -23.73
CA TYR A 237 1.90 -6.84 -23.77
C TYR A 237 1.02 -6.84 -22.52
N CYS A 238 0.89 -8.00 -21.85
CA CYS A 238 -0.04 -8.09 -20.75
C CYS A 238 0.62 -8.00 -19.36
N ALA A 239 1.47 -8.97 -19.05
CA ALA A 239 2.20 -8.94 -17.81
C ALA A 239 3.17 -7.74 -17.72
N LEU A 240 4.15 -7.73 -18.62
CA LEU A 240 5.21 -6.73 -18.54
C LEU A 240 4.68 -5.32 -18.78
N ASN A 241 3.91 -5.12 -19.85
CA ASN A 241 3.38 -3.78 -20.10
C ASN A 241 2.30 -3.38 -19.08
N GLY A 242 1.62 -4.37 -18.49
CA GLY A 242 0.68 -4.10 -17.42
C GLY A 242 1.34 -3.46 -16.19
N LEU A 243 2.44 -4.06 -15.76
CA LEU A 243 3.23 -3.50 -14.69
C LEU A 243 3.65 -2.07 -15.00
N LEU A 244 4.10 -1.84 -16.24
CA LEU A 244 4.46 -0.49 -16.66
C LEU A 244 3.26 0.45 -16.54
N LYS A 245 2.09 -0.01 -17.00
CA LYS A 245 0.88 0.82 -16.97
C LYS A 245 0.50 1.16 -15.53
N ILE A 246 0.51 0.14 -14.69
CA ILE A 246 0.18 0.32 -13.28
C ILE A 246 1.16 1.28 -12.63
N CYS A 247 2.42 1.16 -13.00
CA CYS A 247 3.46 1.95 -12.38
C CYS A 247 3.33 3.45 -12.68
N ARG A 248 2.83 3.76 -13.86
CA ARG A 248 2.78 5.15 -14.33
C ARG A 248 1.44 5.83 -14.12
N THR A 249 0.39 5.02 -13.94
CA THR A 249 -0.96 5.58 -13.91
C THR A 249 -1.67 5.33 -12.58
N THR A 250 -0.99 4.68 -11.65
CA THR A 250 -1.51 4.54 -10.30
C THR A 250 -0.38 4.86 -9.35
N ASP A 251 -0.71 5.09 -8.08
CA ASP A 251 0.29 5.32 -7.05
C ASP A 251 0.53 4.11 -6.13
N LEU A 252 0.32 2.91 -6.66
CA LEU A 252 0.77 1.67 -6.01
C LEU A 252 2.21 1.87 -5.54
N THR A 253 2.51 1.42 -4.32
CA THR A 253 3.83 1.70 -3.75
C THR A 253 4.91 0.94 -4.48
N LEU A 254 6.13 1.44 -4.38
CA LEU A 254 7.28 0.74 -4.91
C LEU A 254 7.39 -0.66 -4.31
N ASN A 255 7.14 -0.76 -3.01
CA ASN A 255 7.23 -2.04 -2.33
C ASN A 255 6.26 -3.06 -2.92
N ASP A 256 5.06 -2.62 -3.29
CA ASP A 256 4.08 -3.53 -3.85
C ASP A 256 4.37 -3.87 -5.31
N LEU A 257 4.86 -2.88 -6.06
CA LEU A 257 5.28 -3.11 -7.44
C LEU A 257 6.34 -4.21 -7.45
N LYS A 258 7.32 -4.07 -6.56
CA LYS A 258 8.37 -5.06 -6.43
C LYS A 258 7.87 -6.46 -6.08
N ARG A 259 6.87 -6.54 -5.21
CA ARG A 259 6.29 -7.80 -4.75
C ARG A 259 5.48 -8.57 -5.81
N ILE A 260 4.75 -7.85 -6.63
CA ILE A 260 3.84 -8.48 -7.58
C ILE A 260 4.54 -8.82 -8.89
N THR A 261 5.74 -8.29 -9.10
CA THR A 261 6.44 -8.51 -10.36
C THR A 261 6.85 -9.96 -10.66
N PRO A 262 7.53 -10.66 -9.72
CA PRO A 262 7.89 -12.05 -10.03
C PRO A 262 6.66 -12.90 -10.37
N THR A 263 5.55 -12.62 -9.72
CA THR A 263 4.31 -13.36 -9.93
C THR A 263 3.80 -13.31 -11.37
N PHE A 264 4.06 -12.23 -12.11
CA PHE A 264 3.49 -12.16 -13.44
C PHE A 264 4.48 -12.45 -14.53
N ILE A 265 5.76 -12.52 -14.18
CA ILE A 265 6.78 -12.64 -15.21
C ILE A 265 7.78 -13.79 -15.05
N LYS A 266 7.85 -14.42 -13.88
CA LYS A 266 8.85 -15.49 -13.66
C LYS A 266 8.55 -16.77 -14.46
N THR A 267 7.42 -17.40 -14.19
CA THR A 267 7.08 -18.67 -14.85
C THR A 267 7.08 -18.66 -16.38
N PRO A 268 6.43 -17.67 -17.03
CA PRO A 268 6.47 -17.64 -18.50
C PRO A 268 7.88 -17.61 -19.09
N ALA A 269 8.74 -16.79 -18.51
CA ALA A 269 10.10 -16.63 -19.02
C ALA A 269 10.92 -17.89 -18.72
N GLU A 270 10.65 -18.50 -17.57
CA GLU A 270 11.37 -19.71 -17.19
C GLU A 270 11.05 -20.88 -18.12
N PHE A 271 9.77 -21.11 -18.36
CA PHE A 271 9.35 -22.15 -19.30
C PHE A 271 9.91 -21.84 -20.69
N LEU A 272 9.79 -20.59 -21.12
CA LEU A 272 10.31 -20.18 -22.43
C LEU A 272 11.83 -20.34 -22.52
N GLY A 273 12.52 -20.11 -21.42
CA GLY A 273 13.95 -20.30 -21.37
C GLY A 273 14.31 -21.74 -21.74
N TYR A 274 13.57 -22.68 -21.18
CA TYR A 274 13.76 -24.10 -21.49
C TYR A 274 13.53 -24.40 -22.97
N THR A 275 12.50 -23.78 -23.55
CA THR A 275 12.20 -24.03 -24.96
C THR A 275 13.26 -23.43 -25.89
N GLY A 276 14.03 -22.45 -25.40
CA GLY A 276 15.11 -21.90 -26.21
C GLY A 276 15.39 -20.42 -26.08
N LEU A 277 14.49 -19.67 -25.46
CA LEU A 277 14.74 -18.25 -25.26
C LEU A 277 15.68 -18.03 -24.07
N ASP A 278 16.94 -18.45 -24.23
CA ASP A 278 17.94 -18.29 -23.18
C ASP A 278 18.17 -16.83 -22.78
N THR A 279 18.12 -15.93 -23.76
CA THR A 279 18.42 -14.55 -23.48
C THR A 279 17.27 -13.92 -22.70
N LEU A 280 16.04 -14.25 -23.10
CA LEU A 280 14.87 -13.79 -22.37
C LEU A 280 14.94 -14.24 -20.92
N TRP A 281 15.13 -15.54 -20.71
CA TRP A 281 15.16 -16.07 -19.36
C TRP A 281 16.36 -15.56 -18.56
N ARG A 282 17.49 -15.34 -19.23
CA ARG A 282 18.67 -14.81 -18.54
C ARG A 282 18.39 -13.38 -18.08
N PHE A 283 17.88 -12.56 -18.98
CA PHE A 283 17.51 -11.18 -18.67
C PHE A 283 16.53 -11.09 -17.49
N THR A 284 15.52 -11.95 -17.52
CA THR A 284 14.52 -12.01 -16.45
C THR A 284 15.12 -12.33 -15.09
N GLN A 285 16.04 -13.30 -15.05
CA GLN A 285 16.71 -13.66 -13.80
C GLN A 285 17.49 -12.50 -13.22
N GLN A 286 18.24 -11.79 -14.06
CA GLN A 286 19.01 -10.64 -13.59
C GLN A 286 18.10 -9.50 -13.14
N VAL A 287 16.95 -9.37 -13.78
CA VAL A 287 16.00 -8.35 -13.36
C VAL A 287 15.39 -8.77 -12.03
N LEU A 288 14.92 -10.01 -11.96
CA LEU A 288 14.37 -10.51 -10.70
C LEU A 288 15.41 -10.44 -9.59
N THR A 289 16.68 -10.64 -9.94
CA THR A 289 17.74 -10.58 -8.93
C THR A 289 17.98 -9.15 -8.40
N LEU A 290 17.96 -8.16 -9.29
CA LEU A 290 18.18 -6.78 -8.88
C LEU A 290 16.97 -6.19 -8.16
N LEU A 291 15.79 -6.59 -8.62
CA LEU A 291 14.53 -5.96 -8.24
C LEU A 291 14.27 -5.65 -6.75
N PRO A 292 14.61 -6.57 -5.83
CA PRO A 292 14.29 -6.23 -4.44
C PRO A 292 15.07 -5.04 -3.91
N ASP A 293 16.20 -4.74 -4.55
CA ASP A 293 17.11 -3.70 -4.07
C ASP A 293 16.99 -2.36 -4.77
N VAL A 294 16.09 -2.23 -5.73
CA VAL A 294 15.92 -0.93 -6.36
C VAL A 294 15.28 0.01 -5.33
N GLU A 295 15.61 1.29 -5.43
CA GLU A 295 15.29 2.22 -4.35
C GLU A 295 14.21 3.21 -4.74
N THR A 296 14.06 3.46 -6.03
CA THR A 296 13.07 4.41 -6.50
C THR A 296 12.19 3.80 -7.56
N ARG A 297 11.05 4.44 -7.77
CA ARG A 297 10.12 4.09 -8.85
C ARG A 297 10.77 4.25 -10.23
N GLU A 298 11.65 5.25 -10.35
CA GLU A 298 12.40 5.50 -11.58
C GLU A 298 13.28 4.31 -11.92
N GLN A 299 13.84 3.70 -10.88
CA GLN A 299 14.70 2.53 -11.07
C GLN A 299 13.90 1.29 -11.44
N TYR A 300 12.81 1.07 -10.72
CA TYR A 300 11.87 0.02 -11.02
C TYR A 300 11.47 0.08 -12.50
N PHE A 301 11.03 1.26 -12.94
CA PHE A 301 10.45 1.44 -14.28
C PHE A 301 11.44 1.20 -15.41
N ALA A 302 12.65 1.71 -15.28
CA ALA A 302 13.64 1.51 -16.34
C ALA A 302 13.99 0.02 -16.45
N LEU A 303 14.13 -0.62 -15.31
CA LEU A 303 14.41 -2.04 -15.27
C LEU A 303 13.32 -2.83 -16.00
N VAL A 304 12.07 -2.68 -15.56
CA VAL A 304 10.96 -3.41 -16.15
C VAL A 304 10.66 -3.01 -17.62
N ASN A 305 10.74 -1.71 -17.93
CA ASN A 305 10.55 -1.23 -19.32
C ASN A 305 11.51 -1.88 -20.32
N ALA A 306 12.75 -2.09 -19.87
CA ALA A 306 13.78 -2.63 -20.72
C ALA A 306 13.43 -4.07 -21.05
N LEU A 307 12.98 -4.82 -20.05
CA LEU A 307 12.57 -6.21 -20.26
C LEU A 307 11.32 -6.27 -21.12
N ALA A 308 10.40 -5.32 -20.88
CA ALA A 308 9.11 -5.33 -21.56
C ALA A 308 9.25 -5.12 -23.07
N LEU A 309 10.19 -4.26 -23.44
CA LEU A 309 10.39 -3.93 -24.82
C LEU A 309 11.08 -5.09 -25.46
N TYR A 310 12.03 -5.68 -24.74
CA TYR A 310 12.70 -6.86 -25.23
C TYR A 310 11.69 -7.97 -25.51
N ALA A 311 10.77 -8.19 -24.56
CA ALA A 311 9.72 -9.21 -24.75
C ALA A 311 8.81 -8.89 -25.94
N ASN A 312 8.36 -7.64 -26.05
CA ASN A 312 7.48 -7.26 -27.14
C ASN A 312 8.16 -7.35 -28.50
N LEU A 314 10.46 -9.58 -29.37
CA LEU A 314 10.43 -11.00 -29.74
C LEU A 314 9.08 -11.43 -30.37
N ASN A 315 7.97 -10.90 -29.83
CA ASN A 315 6.64 -11.19 -30.40
C ASN A 315 6.51 -10.82 -31.88
N THR A 316 7.12 -9.69 -32.28
CA THR A 316 7.07 -9.26 -33.67
C THR A 316 7.75 -10.27 -34.58
N TRP A 317 8.83 -10.88 -34.07
CA TRP A 317 9.53 -11.90 -34.82
C TRP A 317 8.76 -13.22 -34.86
N ASN A 318 8.05 -13.57 -33.78
CA ASN A 318 7.20 -14.76 -33.82
C ASN A 318 6.06 -14.56 -34.80
N LEU A 319 5.49 -13.36 -34.83
CA LEU A 319 4.44 -13.02 -35.79
C LEU A 319 4.99 -13.20 -37.20
N HIS A 320 6.24 -12.78 -37.38
CA HIS A 320 6.85 -12.87 -38.69
C HIS A 320 7.14 -14.31 -39.12
N PHE A 321 7.74 -15.10 -38.24
CA PHE A 321 8.34 -16.38 -38.63
C PHE A 321 7.43 -17.60 -38.49
N PHE A 322 6.45 -17.54 -37.59
CA PHE A 322 5.57 -18.70 -37.34
C PHE A 322 4.95 -19.19 -38.67
N PRO A 323 4.79 -20.51 -38.82
CA PRO A 323 4.24 -21.02 -40.07
C PRO A 323 2.73 -20.88 -40.21
N TRP A 324 2.27 -19.66 -40.48
CA TRP A 324 0.86 -19.41 -40.76
C TRP A 324 0.37 -20.15 -42.01
N GLN A 325 1.31 -20.47 -42.91
CA GLN A 325 1.05 -21.18 -44.17
C GLN A 325 0.08 -22.37 -44.05
N HIS A 326 0.10 -23.05 -42.90
CA HIS A 326 -0.79 -24.18 -42.63
C HIS A 326 -2.28 -23.87 -42.83
N GLY A 327 -2.62 -22.59 -42.83
CA GLY A 327 -4.00 -22.14 -42.95
C GLY A 327 -4.68 -22.40 -44.28
N THR A 328 -3.89 -22.80 -45.28
CA THR A 328 -4.47 -23.27 -46.52
C THR A 328 -5.42 -24.44 -46.23
N ASP A 329 -5.09 -25.23 -45.20
CA ASP A 329 -5.94 -26.35 -44.79
C ASP A 329 -7.03 -25.91 -43.82
N TYR A 330 -7.17 -24.60 -43.61
CA TYR A 330 -8.21 -24.08 -42.70
C TYR A 330 -8.94 -22.88 -43.28
N ARG A 331 -9.50 -23.05 -44.48
CA ARG A 331 -10.24 -21.97 -45.13
C ARG A 331 -11.73 -21.95 -44.77
N TYR A 332 -12.32 -20.77 -44.75
CA TYR A 332 -13.75 -20.67 -44.48
C TYR A 332 -14.57 -21.17 -45.67
N GLN B 24 -2.29 -44.08 0.01
CA GLN B 24 -2.74 -44.67 -1.27
C GLN B 24 -4.00 -44.12 -1.96
N ILE B 25 -3.82 -43.67 -3.21
CA ILE B 25 -4.93 -43.22 -4.05
C ILE B 25 -5.07 -44.12 -5.28
N GLU B 26 -6.19 -43.99 -5.98
CA GLU B 26 -6.38 -44.66 -7.26
C GLU B 26 -6.63 -43.65 -8.37
N ILE B 27 -5.90 -43.82 -9.47
CA ILE B 27 -6.11 -43.03 -10.66
C ILE B 27 -6.75 -43.92 -11.73
N GLU B 28 -7.98 -43.61 -12.10
CA GLU B 28 -8.71 -44.31 -13.12
C GLU B 28 -8.89 -43.45 -14.37
N TRP B 29 -8.36 -43.93 -15.49
CA TRP B 29 -8.67 -43.36 -16.79
C TRP B 29 -9.83 -44.12 -17.42
N VAL B 30 -10.95 -43.42 -17.64
CA VAL B 30 -12.19 -44.10 -17.97
C VAL B 30 -12.17 -44.78 -19.33
N GLN B 31 -11.95 -44.01 -20.38
CA GLN B 31 -12.04 -44.53 -21.74
C GLN B 31 -11.15 -45.76 -22.01
N PRO B 32 -9.83 -45.66 -21.73
CA PRO B 32 -8.99 -46.84 -21.95
C PRO B 32 -9.13 -47.94 -20.91
N GLY B 33 -9.97 -47.73 -19.89
CA GLY B 33 -10.21 -48.75 -18.88
C GLY B 33 -8.96 -49.18 -18.13
N ILE B 34 -8.27 -48.20 -17.58
CA ILE B 34 -7.05 -48.41 -16.82
C ILE B 34 -7.13 -47.73 -15.47
N THR B 35 -6.80 -48.47 -14.42
CA THR B 35 -6.77 -47.95 -13.06
C THR B 35 -5.46 -48.35 -12.40
N VAL B 36 -4.67 -47.38 -11.96
CA VAL B 36 -3.45 -47.70 -11.23
C VAL B 36 -3.56 -47.21 -9.79
N THR B 37 -2.66 -47.70 -8.93
CA THR B 37 -2.60 -47.25 -7.54
C THR B 37 -1.30 -46.47 -7.29
N ALA B 38 -1.38 -45.43 -6.48
CA ALA B 38 -0.18 -44.68 -6.12
C ALA B 38 -0.07 -44.47 -4.63
N ASP B 39 1.15 -44.53 -4.12
CA ASP B 39 1.43 -44.22 -2.72
C ASP B 39 1.72 -42.75 -2.59
N LEU B 40 0.96 -42.04 -1.78
CA LEU B 40 1.30 -40.67 -1.43
C LEU B 40 2.35 -40.66 -0.33
N SER B 41 3.26 -39.70 -0.39
CA SER B 41 4.33 -39.55 0.60
C SER B 41 4.33 -38.18 1.29
N TRP B 42 4.40 -38.22 2.62
CA TRP B 42 4.57 -37.01 3.42
C TRP B 42 6.06 -36.70 3.69
N GLU B 43 6.96 -37.55 3.18
CA GLU B 43 8.40 -37.39 3.37
C GLU B 43 8.96 -36.04 2.89
N ARG B 44 8.55 -35.58 1.71
CA ARG B 44 9.12 -34.34 1.21
C ARG B 44 8.15 -33.15 1.16
N ASN B 45 6.94 -33.35 0.67
CA ASN B 45 5.95 -32.26 0.67
C ASN B 45 4.65 -32.57 1.42
N PRO B 46 4.71 -32.53 2.77
CA PRO B 46 3.62 -32.88 3.69
C PRO B 46 2.38 -32.03 3.49
N GLU B 47 2.58 -30.73 3.33
CA GLU B 47 1.46 -29.82 3.18
C GLU B 47 0.70 -30.13 1.91
N LEU B 48 1.45 -30.41 0.85
CA LEU B 48 0.87 -30.81 -0.42
C LEU B 48 0.18 -32.16 -0.34
N ALA B 49 0.88 -33.19 0.13
CA ALA B 49 0.29 -34.52 0.24
C ALA B 49 -0.99 -34.50 1.09
N GLU B 50 -0.95 -33.68 2.14
CA GLU B 50 -2.08 -33.53 3.02
C GLU B 50 -3.29 -32.96 2.29
N LEU B 51 -3.04 -31.91 1.51
CA LEU B 51 -4.09 -31.17 0.80
C LEU B 51 -4.81 -32.08 -0.18
N LEU B 52 -4.03 -32.83 -0.96
CA LEU B 52 -4.57 -33.84 -1.85
C LEU B 52 -5.39 -34.82 -1.04
N TRP B 53 -4.81 -35.33 0.05
CA TRP B 53 -5.46 -36.38 0.82
C TRP B 53 -6.75 -35.94 1.51
N THR B 54 -6.72 -34.76 2.14
CA THR B 54 -7.84 -34.29 2.95
C THR B 54 -8.70 -33.27 2.21
N GLY B 55 -8.08 -32.50 1.31
CA GLY B 55 -8.77 -31.38 0.68
C GLY B 55 -9.30 -31.70 -0.72
N LEU B 56 -8.49 -32.38 -1.52
CA LEU B 56 -8.81 -32.55 -2.94
C LEU B 56 -9.60 -33.82 -3.35
N LEU B 57 -9.40 -34.94 -2.66
CA LEU B 57 -10.04 -36.22 -3.03
C LEU B 57 -11.48 -36.34 -2.54
N PRO B 58 -12.34 -37.02 -3.33
CA PRO B 58 -12.08 -37.53 -4.67
C PRO B 58 -12.50 -36.50 -5.72
N TYR B 59 -12.00 -36.61 -6.94
CA TYR B 59 -12.36 -35.67 -8.01
C TYR B 59 -12.25 -36.32 -9.38
N ASN B 60 -12.84 -35.68 -10.37
CA ASN B 60 -12.54 -36.04 -11.75
C ASN B 60 -11.95 -34.85 -12.50
N SER B 61 -11.54 -35.09 -13.74
CA SER B 61 -10.88 -34.07 -14.53
C SER B 61 -10.77 -34.54 -15.98
N LEU B 62 -10.36 -33.62 -16.85
CA LEU B 62 -10.00 -33.97 -18.21
C LEU B 62 -8.49 -34.29 -18.25
N GLN B 63 -8.15 -35.51 -18.64
CA GLN B 63 -6.74 -35.87 -18.75
C GLN B 63 -6.15 -35.29 -20.02
N ASN B 64 -5.18 -34.40 -19.86
CA ASN B 64 -4.38 -33.92 -20.98
C ASN B 64 -3.04 -34.60 -20.92
N HIS B 65 -2.29 -34.42 -22.00
CA HIS B 65 -0.95 -34.96 -22.11
C HIS B 65 -0.07 -33.77 -22.48
N ALA B 66 1.11 -33.68 -21.89
CA ALA B 66 2.00 -32.59 -22.27
C ALA B 66 2.38 -32.65 -23.76
N LEU B 67 2.32 -31.49 -24.42
CA LEU B 67 2.70 -31.38 -25.82
C LEU B 67 4.16 -30.99 -25.99
N VAL B 68 4.76 -30.41 -24.95
CA VAL B 68 6.15 -29.98 -25.01
C VAL B 68 7.07 -30.80 -24.09
N SER B 69 6.64 -31.01 -22.84
CA SER B 69 7.49 -31.53 -21.77
C SER B 69 8.00 -32.99 -21.92
N GLY B 70 7.34 -33.78 -22.75
CA GLY B 70 7.70 -35.18 -22.92
C GLY B 70 6.59 -36.17 -22.56
N ASN B 71 6.97 -37.33 -22.03
CA ASN B 71 5.97 -38.29 -21.59
C ASN B 71 5.43 -37.90 -20.22
N HIS B 72 4.54 -36.92 -20.21
CA HIS B 72 4.08 -36.30 -18.97
C HIS B 72 2.57 -36.16 -19.03
N LEU B 73 1.87 -36.67 -18.02
CA LEU B 73 0.43 -36.49 -17.96
C LEU B 73 0.10 -35.44 -16.91
N TYR B 74 -0.80 -34.53 -17.24
CA TYR B 74 -1.32 -33.62 -16.24
C TYR B 74 -2.80 -33.33 -16.48
N HIS B 75 -3.56 -33.19 -15.38
CA HIS B 75 -4.94 -32.71 -15.45
C HIS B 75 -5.20 -31.61 -14.41
N LEU B 76 -6.32 -30.91 -14.57
CA LEU B 76 -6.66 -29.75 -13.78
C LEU B 76 -7.48 -30.18 -12.55
N ILE B 77 -7.22 -29.57 -11.39
CA ILE B 77 -8.01 -29.83 -10.20
C ILE B 77 -8.72 -28.55 -9.78
N ALA B 78 -10.02 -28.61 -9.56
CA ALA B 78 -10.78 -27.40 -9.32
C ALA B 78 -10.67 -26.88 -7.89
N ASP B 79 -9.47 -26.50 -7.48
CA ASP B 79 -9.27 -25.97 -6.15
C ASP B 79 -8.22 -24.88 -6.13
N PRO B 80 -8.59 -23.71 -5.62
CA PRO B 80 -7.67 -22.56 -5.60
C PRO B 80 -6.41 -22.78 -4.74
N ARG B 81 -6.50 -23.64 -3.73
CA ARG B 81 -5.37 -23.86 -2.83
C ARG B 81 -4.09 -24.32 -3.55
N LEU B 82 -4.23 -25.04 -4.65
CA LEU B 82 -3.07 -25.51 -5.41
C LEU B 82 -2.28 -24.36 -6.02
N VAL B 83 -2.94 -23.23 -6.22
CA VAL B 83 -2.34 -22.04 -6.80
C VAL B 83 -1.29 -21.44 -5.87
N TYR B 84 -1.55 -21.45 -4.57
CA TYR B 84 -0.69 -20.74 -3.63
C TYR B 84 -0.01 -21.59 -2.53
N THR B 85 -0.48 -22.81 -2.32
CA THR B 85 0.19 -23.70 -1.38
C THR B 85 1.59 -24.01 -1.87
N GLU B 86 2.57 -23.88 -0.99
CA GLU B 86 3.96 -23.92 -1.42
C GLU B 86 4.58 -25.28 -1.28
N ALA B 87 5.40 -25.65 -2.25
CA ALA B 87 6.15 -26.88 -2.14
C ALA B 87 7.26 -26.70 -1.10
N ARG B 88 7.45 -27.70 -0.27
CA ARG B 88 8.58 -27.68 0.63
C ARG B 88 9.82 -28.13 -0.14
N TYR B 89 9.62 -29.09 -1.05
CA TYR B 89 10.72 -29.66 -1.81
C TYR B 89 10.37 -29.78 -3.30
N LYS B 90 11.34 -29.46 -4.15
CA LYS B 90 11.19 -29.60 -5.60
C LYS B 90 12.41 -30.28 -6.17
N GLU B 91 12.21 -31.03 -7.25
CA GLU B 91 13.34 -31.62 -7.94
C GLU B 91 13.16 -31.43 -9.44
N ASP B 92 14.25 -31.61 -10.18
CA ASP B 92 14.24 -31.67 -11.65
C ASP B 92 13.37 -32.86 -12.10
N ARG B 93 12.30 -32.56 -12.84
CA ARG B 93 11.35 -33.58 -13.26
C ARG B 93 11.93 -34.62 -14.23
N THR B 94 12.96 -34.24 -15.00
CA THR B 94 13.63 -35.17 -15.92
C THR B 94 14.36 -36.27 -15.15
N LYS B 95 14.60 -36.04 -13.86
CA LYS B 95 15.35 -37.01 -13.08
C LYS B 95 14.47 -37.83 -12.15
N SER B 96 13.19 -37.47 -12.07
CA SER B 96 12.25 -38.22 -11.26
C SER B 96 12.02 -39.57 -11.91
N PRO B 97 11.77 -40.60 -11.09
CA PRO B 97 11.50 -41.93 -11.66
C PRO B 97 10.14 -41.93 -12.36
N ASP B 98 10.02 -42.72 -13.42
CA ASP B 98 8.72 -42.94 -14.03
C ASP B 98 7.77 -43.37 -12.91
N GLY B 99 6.52 -42.88 -12.97
CA GLY B 99 5.56 -43.16 -11.93
C GLY B 99 5.37 -42.05 -10.90
N THR B 100 6.29 -41.08 -10.88
CA THR B 100 6.22 -39.98 -9.91
C THR B 100 4.98 -39.10 -10.09
N VAL B 101 4.30 -38.80 -8.98
CA VAL B 101 3.15 -37.92 -8.98
C VAL B 101 3.56 -36.55 -8.44
N PHE B 102 3.15 -35.47 -9.12
CA PHE B 102 3.49 -34.11 -8.69
C PHE B 102 2.23 -33.30 -8.53
N LEU B 103 2.28 -32.31 -7.64
CA LEU B 103 1.27 -31.25 -7.62
C LEU B 103 1.92 -29.93 -8.02
N SER B 104 1.17 -29.09 -8.72
CA SER B 104 1.75 -27.89 -9.29
C SER B 104 0.92 -26.65 -9.00
N GLN B 105 1.56 -25.50 -8.93
CA GLN B 105 0.81 -24.27 -8.75
C GLN B 105 0.08 -23.83 -10.01
N LEU B 106 0.28 -24.60 -11.09
CA LEU B 106 -0.54 -24.50 -12.31
C LEU B 106 -1.87 -25.21 -12.16
N GLN B 107 -2.18 -25.66 -10.93
CA GLN B 107 -3.38 -26.42 -10.58
C GLN B 107 -3.47 -27.83 -11.22
N HIS B 108 -2.34 -28.52 -11.23
CA HIS B 108 -2.22 -29.82 -11.88
C HIS B 108 -1.89 -30.88 -10.88
N LEU B 109 -2.38 -32.09 -11.11
CA LEU B 109 -1.69 -33.28 -10.65
C LEU B 109 -1.02 -33.87 -11.91
N ALA B 110 0.26 -34.16 -11.81
CA ALA B 110 1.03 -34.58 -12.97
C ALA B 110 1.70 -35.90 -12.66
N VAL B 111 1.79 -36.76 -13.68
CA VAL B 111 2.50 -38.04 -13.58
C VAL B 111 3.46 -38.24 -14.77
N LYS B 112 4.72 -38.53 -14.45
CA LYS B 112 5.73 -38.89 -15.43
C LYS B 112 5.63 -40.37 -15.74
N TYR B 113 5.60 -40.72 -17.02
CA TYR B 113 5.47 -42.13 -17.42
C TYR B 113 6.56 -42.52 -18.41
N GLY B 114 7.44 -41.58 -18.69
CA GLY B 114 8.58 -41.79 -19.56
C GLY B 114 9.47 -40.56 -19.55
N PRO B 115 10.48 -40.52 -20.45
CA PRO B 115 11.44 -39.40 -20.52
C PRO B 115 10.79 -38.03 -20.64
N LEU B 116 11.36 -37.05 -19.94
CA LEU B 116 10.92 -35.66 -20.07
C LEU B 116 12.09 -34.82 -20.56
N THR B 117 11.80 -33.71 -21.24
CA THR B 117 12.86 -32.78 -21.62
C THR B 117 12.83 -31.51 -20.80
N GLU B 118 11.66 -31.17 -20.27
CA GLU B 118 11.53 -29.99 -19.43
C GLU B 118 12.17 -30.19 -18.06
N TYR B 119 13.22 -29.42 -17.80
CA TYR B 119 13.98 -29.63 -16.58
C TYR B 119 13.64 -28.61 -15.48
N LEU B 120 12.48 -27.98 -15.57
CA LEU B 120 12.01 -27.08 -14.52
C LEU B 120 11.65 -27.89 -13.27
N PRO B 121 11.88 -27.32 -12.08
CA PRO B 121 11.62 -28.11 -10.87
C PRO B 121 10.13 -28.34 -10.64
N ALA B 122 9.82 -29.49 -10.06
CA ALA B 122 8.44 -29.87 -9.73
C ALA B 122 8.38 -30.53 -8.36
N ALA B 123 7.23 -30.43 -7.70
CA ALA B 123 7.06 -30.96 -6.35
C ALA B 123 6.39 -32.32 -6.34
N PRO B 124 7.19 -33.37 -6.09
CA PRO B 124 6.68 -34.74 -5.98
C PRO B 124 5.88 -34.94 -4.69
N VAL B 125 4.85 -35.78 -4.75
CA VAL B 125 4.04 -36.11 -3.59
C VAL B 125 3.84 -37.61 -3.50
N GLY B 126 4.30 -38.34 -4.50
CA GLY B 126 4.13 -39.79 -4.49
C GLY B 126 4.54 -40.53 -5.76
N SER B 127 4.12 -41.79 -5.85
CA SER B 127 4.50 -42.66 -6.96
C SER B 127 3.44 -43.72 -7.19
N VAL B 128 3.05 -43.91 -8.45
CA VAL B 128 2.27 -45.11 -8.77
C VAL B 128 3.12 -46.34 -8.45
N VAL B 129 2.47 -47.32 -7.83
CA VAL B 129 3.13 -48.55 -7.38
C VAL B 129 3.88 -49.24 -8.52
N PRO B 130 5.00 -49.90 -8.19
CA PRO B 130 5.88 -50.55 -9.17
C PRO B 130 5.13 -51.48 -10.10
N GLU B 131 4.13 -52.20 -9.59
CA GLU B 131 3.47 -53.20 -10.41
C GLU B 131 2.48 -52.57 -11.39
N ASP B 132 2.28 -51.27 -11.29
CA ASP B 132 1.35 -50.57 -12.17
C ASP B 132 2.01 -49.65 -13.20
N ILE B 133 3.34 -49.66 -13.25
CA ILE B 133 4.05 -48.79 -14.16
C ILE B 133 3.68 -49.09 -15.62
N ASP B 134 3.56 -50.38 -15.96
CA ASP B 134 3.19 -50.76 -17.33
C ASP B 134 1.82 -50.23 -17.71
N ALA B 135 0.85 -50.42 -16.82
CA ALA B 135 -0.49 -49.87 -16.97
C ALA B 135 -0.46 -48.34 -17.06
N LEU B 136 0.45 -47.73 -16.31
CA LEU B 136 0.67 -46.30 -16.40
C LEU B 136 1.13 -45.86 -17.80
N ARG B 137 2.14 -46.54 -18.36
CA ARG B 137 2.66 -46.13 -19.68
C ARG B 137 1.63 -46.42 -20.76
N GLU B 138 0.79 -47.42 -20.54
CA GLU B 138 -0.32 -47.64 -21.44
C GLU B 138 -1.28 -46.46 -21.40
N ALA B 139 -1.64 -46.03 -20.19
CA ALA B 139 -2.50 -44.86 -20.02
C ALA B 139 -1.85 -43.64 -20.66
N GLY B 140 -0.54 -43.52 -20.49
CA GLY B 140 0.19 -42.42 -21.08
C GLY B 140 0.08 -42.37 -22.59
N ARG B 141 0.32 -43.52 -23.23
CA ARG B 141 0.30 -43.59 -24.70
C ARG B 141 -1.11 -43.40 -25.24
N ALA B 142 -2.10 -43.86 -24.48
CA ALA B 142 -3.48 -43.77 -24.93
C ALA B 142 -3.94 -42.32 -24.88
N CYS B 143 -3.48 -41.58 -23.88
CA CYS B 143 -3.82 -40.17 -23.75
C CYS B 143 -3.14 -39.39 -24.88
N TRP B 144 -1.91 -39.79 -25.20
CA TRP B 144 -1.21 -39.24 -26.37
C TRP B 144 -2.02 -39.44 -27.64
N LYS B 145 -2.55 -40.65 -27.86
CA LYS B 145 -3.34 -40.94 -29.05
C LYS B 145 -4.56 -40.04 -29.12
N ALA B 146 -5.08 -39.66 -27.96
CA ALA B 146 -6.27 -38.83 -27.92
C ALA B 146 -5.91 -37.37 -28.28
N ALA B 147 -4.82 -36.86 -27.71
CA ALA B 147 -4.36 -35.52 -28.05
C ALA B 147 -3.85 -35.42 -29.50
N TRP B 148 -3.03 -36.39 -29.91
CA TRP B 148 -2.42 -36.35 -31.23
C TRP B 148 -3.36 -36.61 -32.41
N GLU B 149 -4.17 -37.65 -32.31
CA GLU B 149 -4.94 -38.14 -33.46
C GLU B 149 -6.44 -38.15 -33.26
N THR B 150 -6.86 -38.69 -32.13
CA THR B 150 -8.24 -39.05 -31.93
C THR B 150 -9.16 -37.91 -31.52
N LYS B 151 -8.65 -37.03 -30.67
CA LYS B 151 -9.44 -35.95 -30.06
C LYS B 151 -10.61 -36.49 -29.23
N GLN B 152 -10.49 -37.74 -28.81
CA GLN B 152 -11.47 -38.29 -27.87
C GLN B 152 -11.13 -37.87 -26.46
N PRO B 153 -12.08 -37.20 -25.79
CA PRO B 153 -11.83 -36.77 -24.42
C PRO B 153 -11.67 -37.96 -23.49
N ILE B 154 -10.62 -37.94 -22.68
CA ILE B 154 -10.43 -38.93 -21.65
C ILE B 154 -10.70 -38.32 -20.29
N GLU B 155 -11.57 -39.01 -19.54
CA GLU B 155 -11.93 -38.62 -18.20
C GLU B 155 -11.06 -39.35 -17.18
N VAL B 156 -10.48 -38.62 -16.23
CA VAL B 156 -9.73 -39.28 -15.20
C VAL B 156 -10.52 -39.12 -13.90
N ARG B 157 -10.57 -40.19 -13.12
CA ARG B 157 -11.22 -40.15 -11.84
C ARG B 157 -10.16 -40.48 -10.81
N VAL B 158 -10.08 -39.69 -9.74
CA VAL B 158 -9.07 -39.89 -8.70
C VAL B 158 -9.70 -40.06 -7.30
N ARG B 159 -9.37 -41.13 -6.61
CA ARG B 159 -10.02 -41.48 -5.35
C ARG B 159 -9.03 -41.92 -4.27
N ARG B 160 -9.40 -41.77 -3.00
CA ARG B 160 -8.73 -42.49 -1.92
C ARG B 160 -8.98 -43.97 -2.19
N LYS B 161 -7.93 -44.78 -2.08
CA LYS B 161 -8.07 -46.21 -2.28
C LYS B 161 -9.08 -46.72 -1.26
N GLY B 162 -10.02 -47.54 -1.71
CA GLY B 162 -11.03 -48.09 -0.84
C GLY B 162 -12.42 -47.52 -1.03
N GLU B 163 -12.56 -46.21 -0.93
CA GLU B 163 -13.88 -45.59 -0.95
C GLU B 163 -14.39 -45.32 -2.37
N ALA B 164 -15.42 -46.06 -2.77
CA ALA B 164 -16.06 -45.89 -4.07
C ALA B 164 -16.69 -44.50 -4.19
N VAL B 165 -16.76 -43.97 -5.42
CA VAL B 165 -17.26 -42.60 -5.61
C VAL B 165 -18.19 -42.50 -6.81
N THR B 166 -19.34 -41.87 -6.59
CA THR B 166 -20.38 -41.82 -7.61
C THR B 166 -20.55 -40.43 -8.22
N ASP B 167 -20.60 -39.42 -7.37
CA ASP B 167 -20.85 -38.07 -7.86
C ASP B 167 -19.58 -37.23 -7.84
N PHE B 168 -19.27 -36.65 -8.99
CA PHE B 168 -18.23 -35.63 -9.03
C PHE B 168 -18.89 -34.29 -9.27
N ALA B 169 -18.79 -33.42 -8.29
CA ALA B 169 -19.28 -32.05 -8.44
C ALA B 169 -18.11 -31.13 -8.23
N LEU B 170 -18.06 -30.06 -8.98
CA LEU B 170 -16.99 -29.10 -8.77
C LEU B 170 -17.17 -28.43 -7.42
N PRO B 171 -16.07 -28.25 -6.67
CA PRO B 171 -16.05 -27.51 -5.39
C PRO B 171 -16.57 -26.09 -5.58
N ARG B 172 -17.45 -25.66 -4.69
CA ARG B 172 -17.92 -24.29 -4.75
C ARG B 172 -17.33 -23.48 -3.61
N THR B 173 -16.89 -22.25 -3.87
CA THR B 173 -16.42 -21.40 -2.79
C THR B 173 -17.58 -21.14 -1.80
N PRO B 174 -17.25 -20.94 -0.49
CA PRO B 174 -18.28 -20.66 0.51
C PRO B 174 -19.01 -19.39 0.15
N PRO B 175 -20.36 -19.43 0.20
CA PRO B 175 -21.20 -18.26 -0.01
C PRO B 175 -20.63 -16.99 0.64
N VAL B 176 -20.86 -15.87 -0.01
CA VAL B 176 -20.15 -14.66 0.29
C VAL B 176 -21.16 -13.56 0.58
N ASP B 177 -20.92 -12.80 1.63
CA ASP B 177 -21.88 -11.79 2.07
C ASP B 177 -21.99 -10.62 1.10
N HIS B 178 -22.39 -10.94 -0.12
CA HIS B 178 -22.65 -9.93 -1.15
C HIS B 178 -23.42 -10.61 -2.29
N PRO B 179 -24.75 -10.38 -2.33
CA PRO B 179 -25.66 -11.15 -3.19
C PRO B 179 -25.26 -11.09 -4.65
N GLY B 180 -25.01 -9.89 -5.17
CA GLY B 180 -24.61 -9.71 -6.56
C GLY B 180 -23.35 -10.47 -6.94
N VAL B 181 -22.31 -10.35 -6.12
CA VAL B 181 -21.09 -11.13 -6.29
C VAL B 181 -21.40 -12.63 -6.25
N GLN B 182 -22.13 -13.03 -5.22
CA GLN B 182 -22.43 -14.43 -5.00
C GLN B 182 -23.19 -15.05 -6.18
N LYS B 183 -24.13 -14.30 -6.75
CA LYS B 183 -24.92 -14.80 -7.86
C LYS B 183 -24.03 -15.10 -9.05
N LEU B 184 -23.24 -14.12 -9.47
CA LEU B 184 -22.29 -14.29 -10.58
C LEU B 184 -21.31 -15.44 -10.34
N VAL B 185 -20.86 -15.57 -9.09
CA VAL B 185 -19.94 -16.64 -8.72
C VAL B 185 -20.59 -17.99 -8.99
N GLU B 186 -21.85 -18.10 -8.59
CA GLU B 186 -22.63 -19.30 -8.79
C GLU B 186 -22.81 -19.60 -10.27
N GLU B 187 -23.23 -18.60 -11.05
CA GLU B 187 -23.43 -18.78 -12.49
C GLU B 187 -22.16 -19.25 -13.18
N ILE B 188 -21.02 -18.65 -12.83
CA ILE B 188 -19.74 -19.00 -13.46
C ILE B 188 -19.28 -20.40 -13.07
N GLN B 189 -19.36 -20.73 -11.79
CA GLN B 189 -19.00 -22.05 -11.30
C GLN B 189 -19.89 -23.14 -11.90
N ASP B 190 -21.17 -22.83 -12.05
CA ASP B 190 -22.12 -23.74 -12.69
C ASP B 190 -21.63 -24.04 -14.09
N GLU B 191 -21.28 -22.98 -14.82
CA GLU B 191 -20.87 -23.15 -16.20
C GLU B 191 -19.57 -23.94 -16.30
N THR B 192 -18.62 -23.63 -15.42
CA THR B 192 -17.36 -24.38 -15.38
C THR B 192 -17.61 -25.86 -15.14
N GLU B 193 -18.59 -26.16 -14.32
CA GLU B 193 -18.93 -27.53 -14.02
C GLU B 193 -19.61 -28.18 -15.22
N ARG B 194 -20.44 -27.40 -15.91
CA ARG B 194 -21.19 -27.95 -17.03
C ARG B 194 -20.26 -28.52 -18.11
N VAL B 195 -19.17 -27.82 -18.39
CA VAL B 195 -18.27 -28.25 -19.44
C VAL B 195 -16.94 -28.75 -18.89
N TRP B 196 -16.99 -29.38 -17.71
CA TRP B 196 -15.78 -29.87 -17.06
C TRP B 196 -15.15 -30.99 -17.87
N ILE B 197 -15.95 -31.98 -18.23
CA ILE B 197 -15.44 -33.08 -19.03
C ILE B 197 -16.27 -33.26 -20.31
N THR B 198 -17.23 -32.37 -20.51
CA THR B 198 -18.01 -32.31 -21.75
C THR B 198 -17.54 -31.07 -22.50
N PRO B 199 -17.13 -31.23 -23.75
CA PRO B 199 -16.48 -30.11 -24.46
C PRO B 199 -17.40 -28.90 -24.62
N PRO B 200 -16.88 -27.69 -24.34
CA PRO B 200 -17.64 -26.45 -24.57
C PRO B 200 -17.87 -26.24 -26.07
N ALA B 201 -19.10 -25.93 -26.44
CA ALA B 201 -19.45 -25.65 -27.84
C ALA B 201 -18.58 -24.55 -28.43
N GLU B 202 -18.30 -23.51 -27.63
CA GLU B 202 -17.51 -22.38 -28.14
C GLU B 202 -16.11 -22.78 -28.60
N ILE B 203 -15.45 -23.66 -27.84
CA ILE B 203 -14.16 -24.24 -28.25
C ILE B 203 -14.26 -25.17 -29.48
N VAL B 204 -15.24 -26.08 -29.46
CA VAL B 204 -15.43 -27.01 -30.56
C VAL B 204 -15.69 -26.28 -31.88
N ASP B 205 -16.59 -25.30 -31.82
CA ASP B 205 -16.99 -24.54 -33.00
C ASP B 205 -15.82 -23.82 -33.66
N HIS B 207 -12.48 -24.60 -33.45
CA HIS B 207 -11.66 -25.63 -34.10
C HIS B 207 -12.28 -26.21 -35.38
N GLN B 208 -13.58 -25.99 -35.58
CA GLN B 208 -14.26 -26.41 -36.81
C GLN B 208 -14.53 -25.27 -37.80
N GLY B 209 -14.09 -24.06 -37.47
CA GLY B 209 -14.29 -22.91 -38.34
C GLY B 209 -15.66 -22.27 -38.24
N ARG B 210 -16.45 -22.72 -37.27
CA ARG B 210 -17.74 -22.11 -37.00
C ARG B 210 -17.52 -20.93 -36.06
N ILE B 211 -17.12 -19.82 -36.67
CA ILE B 211 -16.69 -18.62 -35.96
C ILE B 211 -17.52 -17.49 -36.53
N ALA B 212 -18.47 -16.99 -35.74
CA ALA B 212 -19.45 -16.01 -36.25
C ALA B 212 -18.81 -14.73 -36.79
N SER B 213 -17.72 -14.31 -36.17
CA SER B 213 -17.02 -13.08 -36.54
C SER B 213 -16.07 -13.26 -37.74
N ARG B 214 -15.92 -14.51 -38.19
CA ARG B 214 -14.99 -14.87 -39.26
C ARG B 214 -13.56 -14.37 -38.99
N ALA B 215 -13.16 -14.39 -37.73
CA ALA B 215 -11.82 -13.97 -37.32
C ALA B 215 -10.74 -14.80 -38.00
N GLY B 216 -9.69 -14.13 -38.43
CA GLY B 216 -8.63 -14.76 -39.20
C GLY B 216 -8.42 -13.99 -40.49
N SER B 217 -7.19 -13.59 -40.76
CA SER B 217 -6.87 -12.87 -41.98
C SER B 217 -6.92 -13.76 -43.23
N TYR B 218 -7.43 -13.22 -44.33
CA TYR B 218 -7.44 -13.90 -45.62
C TYR B 218 -8.17 -15.26 -45.62
N ASP B 219 -9.34 -15.25 -44.97
CA ASP B 219 -10.33 -16.33 -45.06
C ASP B 219 -9.87 -17.65 -44.48
N GLN B 220 -8.85 -17.61 -43.63
CA GLN B 220 -8.44 -18.81 -42.90
C GLN B 220 -8.50 -18.57 -41.38
N TYR B 221 -8.78 -19.64 -40.63
CA TYR B 221 -8.93 -19.53 -39.18
C TYR B 221 -7.84 -20.30 -38.41
N PHE B 222 -6.84 -20.81 -39.12
CA PHE B 222 -5.71 -21.46 -38.46
C PHE B 222 -4.99 -20.49 -37.50
N SER B 223 -4.73 -19.27 -37.96
CA SER B 223 -4.05 -18.27 -37.15
C SER B 223 -4.90 -17.99 -35.89
N THR B 224 -6.20 -17.91 -36.07
CA THR B 224 -7.13 -17.74 -34.97
C THR B 224 -7.00 -18.86 -33.91
N LEU B 225 -6.86 -20.10 -34.37
CA LEU B 225 -6.63 -21.23 -33.46
C LEU B 225 -5.31 -21.11 -32.70
N VAL B 226 -4.26 -20.64 -33.36
CA VAL B 226 -2.98 -20.41 -32.68
C VAL B 226 -3.13 -19.37 -31.56
N PHE B 227 -3.86 -18.31 -31.86
CA PHE B 227 -4.04 -17.20 -30.92
C PHE B 227 -5.02 -17.57 -29.80
N LEU B 228 -6.06 -18.34 -30.16
CA LEU B 228 -7.00 -18.85 -29.16
C LEU B 228 -6.20 -19.63 -28.13
N ASN B 229 -5.36 -20.53 -28.64
CA ASN B 229 -4.52 -21.36 -27.81
C ASN B 229 -3.55 -20.54 -26.98
N GLY B 230 -2.92 -19.56 -27.62
CA GLY B 230 -1.87 -18.80 -26.98
C GLY B 230 -2.37 -17.80 -25.96
N GLU B 231 -3.55 -17.21 -26.17
CA GLU B 231 -4.04 -16.16 -25.27
C GLU B 231 -4.74 -16.68 -24.01
N VAL B 232 -5.50 -17.76 -24.16
CA VAL B 232 -6.28 -18.32 -23.06
C VAL B 232 -5.40 -18.79 -21.90
N ARG B 233 -4.32 -19.48 -22.26
CA ARG B 233 -3.49 -20.15 -21.27
C ARG B 233 -2.86 -19.18 -20.22
N PRO B 234 -2.07 -18.19 -20.67
CA PRO B 234 -1.53 -17.21 -19.70
C PRO B 234 -2.60 -16.40 -18.96
N LEU B 235 -3.71 -16.06 -19.63
CA LEU B 235 -4.83 -15.41 -18.96
C LEU B 235 -5.25 -16.21 -17.72
N GLY B 236 -5.32 -17.52 -17.87
CA GLY B 236 -5.65 -18.39 -16.76
C GLY B 236 -4.53 -18.58 -15.76
N TYR B 237 -3.38 -19.10 -16.20
CA TYR B 237 -2.35 -19.52 -15.25
C TYR B 237 -1.51 -18.34 -14.70
N CYS B 238 -1.39 -17.28 -15.50
CA CYS B 238 -0.51 -16.17 -15.17
C CYS B 238 -1.24 -14.93 -14.64
N ALA B 239 -2.15 -14.35 -15.42
CA ALA B 239 -2.88 -13.17 -14.97
C ALA B 239 -3.85 -13.52 -13.85
N LEU B 240 -4.84 -14.34 -14.13
CA LEU B 240 -5.88 -14.61 -13.14
C LEU B 240 -5.34 -15.33 -11.90
N ASN B 241 -4.62 -16.43 -12.12
CA ASN B 241 -4.08 -17.18 -11.00
C ASN B 241 -3.04 -16.39 -10.23
N GLY B 242 -2.35 -15.47 -10.91
CA GLY B 242 -1.38 -14.61 -10.26
C GLY B 242 -2.06 -13.71 -9.24
N LEU B 243 -3.25 -13.23 -9.59
CA LEU B 243 -4.01 -12.37 -8.70
C LEU B 243 -4.51 -13.15 -7.47
N LEU B 244 -4.89 -14.41 -7.67
CA LEU B 244 -5.31 -15.25 -6.57
C LEU B 244 -4.18 -15.42 -5.57
N LYS B 245 -2.99 -15.74 -6.09
CA LYS B 245 -1.82 -15.96 -5.24
C LYS B 245 -1.41 -14.66 -4.52
N ILE B 246 -1.48 -13.55 -5.22
CA ILE B 246 -1.14 -12.27 -4.62
C ILE B 246 -2.12 -11.99 -3.50
N CYS B 247 -3.39 -12.29 -3.76
CA CYS B 247 -4.42 -12.03 -2.77
C CYS B 247 -4.23 -12.83 -1.49
N ARG B 248 -3.71 -14.04 -1.63
CA ARG B 248 -3.65 -15.00 -0.53
C ARG B 248 -2.28 -15.05 0.12
N THR B 249 -1.23 -14.82 -0.66
CA THR B 249 0.11 -14.92 -0.10
C THR B 249 0.78 -13.58 0.23
N THR B 250 0.14 -12.46 -0.10
CA THR B 250 0.65 -11.17 0.33
C THR B 250 -0.45 -10.39 1.02
N ASP B 251 -0.07 -9.30 1.68
CA ASP B 251 -1.05 -8.42 2.29
C ASP B 251 -1.29 -7.14 1.48
N LEU B 252 -1.13 -7.23 0.16
CA LEU B 252 -1.60 -6.17 -0.73
C LEU B 252 -3.03 -5.81 -0.31
N THR B 253 -3.31 -4.52 -0.20
CA THR B 253 -4.62 -4.05 0.23
C THR B 253 -5.68 -4.37 -0.79
N LEU B 254 -6.92 -4.46 -0.31
CA LEU B 254 -8.05 -4.75 -1.17
C LEU B 254 -8.19 -3.65 -2.22
N ASN B 255 -8.00 -2.40 -1.78
CA ASN B 255 -8.09 -1.26 -2.67
C ASN B 255 -7.15 -1.41 -3.86
N ASP B 256 -5.96 -1.94 -3.60
CA ASP B 256 -4.98 -2.17 -4.65
C ASP B 256 -5.27 -3.44 -5.47
N LEU B 257 -5.80 -4.48 -4.84
CA LEU B 257 -6.22 -5.68 -5.57
C LEU B 257 -7.26 -5.33 -6.62
N LYS B 258 -8.18 -4.44 -6.26
CA LYS B 258 -9.25 -4.03 -7.16
C LYS B 258 -8.70 -3.15 -8.27
N ARG B 259 -7.78 -2.25 -7.91
CA ARG B 259 -7.13 -1.34 -8.87
C ARG B 259 -6.36 -2.05 -9.99
N ILE B 260 -5.64 -3.12 -9.65
CA ILE B 260 -4.71 -3.68 -10.62
C ILE B 260 -5.35 -4.74 -11.49
N THR B 261 -6.49 -5.26 -11.05
CA THR B 261 -7.12 -6.39 -11.73
C THR B 261 -7.45 -6.19 -13.22
N PRO B 262 -8.18 -5.12 -13.59
CA PRO B 262 -8.53 -4.96 -15.01
C PRO B 262 -7.34 -4.93 -15.97
N THR B 263 -6.22 -4.36 -15.53
CA THR B 263 -5.03 -4.21 -16.36
C THR B 263 -4.51 -5.55 -16.87
N PHE B 264 -4.62 -6.58 -16.03
CA PHE B 264 -4.15 -7.91 -16.40
C PHE B 264 -5.18 -8.81 -17.11
N ILE B 265 -6.46 -8.47 -17.06
CA ILE B 265 -7.45 -9.42 -17.56
C ILE B 265 -8.44 -8.92 -18.61
N LYS B 266 -8.50 -7.61 -18.83
CA LYS B 266 -9.48 -7.07 -19.77
C LYS B 266 -9.10 -7.33 -21.23
N THR B 267 -7.97 -6.79 -21.65
CA THR B 267 -7.54 -6.90 -23.05
C THR B 267 -7.47 -8.32 -23.61
N PRO B 268 -6.88 -9.29 -22.87
CA PRO B 268 -6.92 -10.65 -23.40
C PRO B 268 -8.34 -11.18 -23.59
N ALA B 269 -9.21 -10.92 -22.61
CA ALA B 269 -10.58 -11.45 -22.66
C ALA B 269 -11.40 -10.82 -23.78
N GLU B 270 -11.15 -9.55 -24.06
CA GLU B 270 -11.92 -8.84 -25.08
C GLU B 270 -11.57 -9.37 -26.46
N PHE B 271 -10.29 -9.62 -26.67
CA PHE B 271 -9.84 -10.12 -27.94
C PHE B 271 -10.38 -11.54 -28.17
N LEU B 272 -10.27 -12.39 -27.15
CA LEU B 272 -10.83 -13.74 -27.26
C LEU B 272 -12.34 -13.74 -27.53
N GLY B 273 -13.06 -12.75 -26.98
CA GLY B 273 -14.49 -12.61 -27.20
C GLY B 273 -14.75 -12.41 -28.67
N TYR B 274 -14.08 -11.43 -29.24
CA TYR B 274 -14.09 -11.25 -30.68
C TYR B 274 -13.81 -12.56 -31.45
N THR B 275 -12.80 -13.32 -31.04
CA THR B 275 -12.41 -14.54 -31.76
C THR B 275 -13.42 -15.69 -31.63
N GLY B 276 -14.30 -15.62 -30.64
CA GLY B 276 -15.30 -16.66 -30.49
C GLY B 276 -15.69 -17.04 -29.08
N LEU B 277 -14.90 -16.64 -28.09
CA LEU B 277 -15.23 -16.98 -26.71
C LEU B 277 -16.17 -15.96 -26.07
N ASP B 278 -17.44 -15.97 -26.51
CA ASP B 278 -18.44 -15.00 -26.05
C ASP B 278 -18.68 -15.09 -24.56
N THR B 279 -18.72 -16.32 -24.05
CA THR B 279 -19.00 -16.55 -22.62
C THR B 279 -17.87 -16.02 -21.72
N LEU B 280 -16.63 -16.21 -22.16
CA LEU B 280 -15.47 -15.73 -21.40
C LEU B 280 -15.51 -14.20 -21.27
N TRP B 281 -15.69 -13.53 -22.40
CA TRP B 281 -15.79 -12.07 -22.46
C TRP B 281 -17.00 -11.54 -21.68
N ARG B 282 -18.11 -12.25 -21.74
CA ARG B 282 -19.28 -11.84 -20.99
C ARG B 282 -19.05 -11.99 -19.49
N PHE B 283 -18.44 -13.10 -19.08
CA PHE B 283 -18.12 -13.36 -17.68
C PHE B 283 -17.07 -12.36 -17.15
N THR B 284 -16.19 -11.91 -18.04
CA THR B 284 -15.15 -10.95 -17.65
C THR B 284 -15.73 -9.57 -17.42
N GLN B 285 -16.55 -9.13 -18.38
CA GLN B 285 -17.25 -7.88 -18.26
C GLN B 285 -18.08 -7.78 -16.98
N GLN B 286 -18.78 -8.86 -16.67
CA GLN B 286 -19.61 -8.89 -15.46
C GLN B 286 -18.77 -8.77 -14.20
N VAL B 287 -17.67 -9.51 -14.18
CA VAL B 287 -16.70 -9.45 -13.09
C VAL B 287 -16.16 -8.01 -12.93
N LEU B 288 -15.82 -7.38 -14.05
CA LEU B 288 -15.22 -6.05 -14.06
C LEU B 288 -16.18 -4.96 -13.65
N THR B 289 -17.48 -5.22 -13.82
CA THR B 289 -18.53 -4.31 -13.41
C THR B 289 -18.75 -4.34 -11.89
N LEU B 290 -18.78 -5.56 -11.33
CA LEU B 290 -18.96 -5.76 -9.90
C LEU B 290 -17.73 -5.46 -9.07
N LEU B 291 -16.56 -5.53 -9.69
CA LEU B 291 -15.30 -5.49 -8.96
C LEU B 291 -15.06 -4.22 -8.11
N PRO B 292 -15.32 -3.01 -8.65
CA PRO B 292 -15.15 -1.87 -7.76
C PRO B 292 -16.08 -1.86 -6.53
N ASP B 293 -17.21 -2.55 -6.60
CA ASP B 293 -18.18 -2.55 -5.50
C ASP B 293 -17.88 -3.59 -4.43
N VAL B 294 -16.87 -4.41 -4.67
CA VAL B 294 -16.52 -5.47 -3.74
C VAL B 294 -16.07 -4.86 -2.41
N GLU B 295 -16.51 -5.46 -1.31
CA GLU B 295 -16.36 -4.88 0.01
C GLU B 295 -15.29 -5.57 0.81
N THR B 296 -15.08 -6.85 0.56
CA THR B 296 -14.10 -7.62 1.33
C THR B 296 -13.14 -8.43 0.45
N ARG B 297 -12.05 -8.85 1.05
CA ARG B 297 -11.07 -9.67 0.36
C ARG B 297 -11.72 -10.97 -0.08
N GLU B 298 -12.53 -11.55 0.82
CA GLU B 298 -13.26 -12.79 0.54
C GLU B 298 -14.13 -12.63 -0.71
N GLN B 299 -14.78 -11.47 -0.82
CA GLN B 299 -15.57 -11.14 -2.00
C GLN B 299 -14.70 -11.00 -3.25
N TYR B 300 -13.54 -10.37 -3.10
CA TYR B 300 -12.62 -10.25 -4.22
C TYR B 300 -12.15 -11.64 -4.63
N PHE B 301 -11.84 -12.46 -3.65
CA PHE B 301 -11.24 -13.73 -3.96
C PHE B 301 -12.21 -14.61 -4.75
N ALA B 302 -13.43 -14.74 -4.25
CA ALA B 302 -14.42 -15.62 -4.87
C ALA B 302 -14.72 -15.20 -6.29
N LEU B 303 -14.84 -13.90 -6.50
CA LEU B 303 -15.15 -13.36 -7.80
C LEU B 303 -14.06 -13.65 -8.85
N VAL B 304 -12.81 -13.37 -8.50
CA VAL B 304 -11.70 -13.60 -9.40
C VAL B 304 -11.45 -15.10 -9.54
N ASN B 305 -11.61 -15.82 -8.45
CA ASN B 305 -11.42 -17.28 -8.46
C ASN B 305 -12.32 -18.04 -9.45
N ALA B 306 -13.60 -17.68 -9.47
CA ALA B 306 -14.57 -18.29 -10.36
C ALA B 306 -14.17 -18.03 -11.82
N LEU B 307 -13.86 -16.78 -12.14
CA LEU B 307 -13.46 -16.46 -13.50
C LEU B 307 -12.17 -17.20 -13.85
N ALA B 308 -11.25 -17.23 -12.88
CA ALA B 308 -9.98 -17.91 -13.03
C ALA B 308 -10.11 -19.37 -13.47
N LEU B 309 -10.93 -20.12 -12.75
CA LEU B 309 -11.05 -21.56 -13.04
C LEU B 309 -11.63 -21.79 -14.43
N TYR B 310 -12.66 -21.01 -14.75
CA TYR B 310 -13.29 -21.07 -16.05
C TYR B 310 -12.23 -20.87 -17.15
N ALA B 311 -11.39 -19.85 -17.01
CA ALA B 311 -10.33 -19.61 -17.96
C ALA B 311 -9.37 -20.79 -18.06
N ASN B 312 -8.97 -21.33 -16.91
CA ASN B 312 -8.04 -22.44 -16.89
C ASN B 312 -8.70 -23.71 -17.44
N LEU B 314 -10.89 -23.65 -19.88
CA LEU B 314 -10.83 -23.51 -21.34
C LEU B 314 -9.48 -23.93 -21.91
N ASN B 315 -8.39 -23.59 -21.21
CA ASN B 315 -7.06 -24.04 -21.64
C ASN B 315 -7.00 -25.55 -21.87
N THR B 316 -7.60 -26.32 -20.96
CA THR B 316 -7.49 -27.77 -21.07
C THR B 316 -8.11 -28.27 -22.37
N TRP B 317 -9.19 -27.65 -22.78
CA TRP B 317 -9.82 -27.99 -24.04
C TRP B 317 -9.04 -27.49 -25.25
N ASN B 318 -8.29 -26.40 -25.12
CA ASN B 318 -7.41 -25.99 -26.21
C ASN B 318 -6.30 -26.99 -26.39
N LEU B 319 -5.70 -27.38 -25.27
CA LEU B 319 -4.70 -28.43 -25.23
C LEU B 319 -5.22 -29.71 -25.86
N HIS B 320 -6.52 -29.96 -25.68
CA HIS B 320 -7.11 -31.18 -26.21
C HIS B 320 -7.40 -31.12 -27.71
N PHE B 321 -8.00 -30.02 -28.16
CA PHE B 321 -8.52 -29.90 -29.53
C PHE B 321 -7.60 -29.26 -30.56
N PHE B 322 -6.56 -28.54 -30.15
CA PHE B 322 -5.70 -27.88 -31.13
C PHE B 322 -5.05 -28.92 -32.07
N PRO B 323 -4.90 -28.58 -33.36
CA PRO B 323 -4.41 -29.61 -34.29
C PRO B 323 -2.91 -29.85 -34.17
N TRP B 324 -2.51 -30.57 -33.12
CA TRP B 324 -1.11 -30.85 -32.87
C TRP B 324 -0.46 -31.69 -33.98
N GLN B 325 -1.29 -32.48 -34.67
CA GLN B 325 -0.86 -33.43 -35.69
C GLN B 325 0.09 -32.85 -36.76
N HIS B 326 -0.06 -31.56 -37.06
CA HIS B 326 0.88 -30.83 -37.92
C HIS B 326 2.36 -31.06 -37.57
N GLY B 327 2.62 -31.49 -36.33
CA GLY B 327 3.96 -31.87 -35.89
C GLY B 327 4.67 -32.96 -36.69
N THR B 328 3.93 -33.72 -37.51
CA THR B 328 4.57 -34.70 -38.39
C THR B 328 5.55 -34.08 -39.39
N ASP B 329 5.40 -32.77 -39.67
CA ASP B 329 6.35 -32.03 -40.54
C ASP B 329 7.45 -31.37 -39.72
N TYR B 330 7.49 -31.64 -38.42
CA TYR B 330 8.43 -30.95 -37.55
C TYR B 330 9.21 -31.90 -36.64
N ARG B 331 9.70 -33.00 -37.21
CA ARG B 331 10.45 -33.97 -36.44
C ARG B 331 11.92 -33.59 -36.35
N TYR B 332 12.53 -33.90 -35.22
CA TYR B 332 13.94 -33.58 -34.98
C TYR B 332 14.92 -34.35 -35.89
N GLN C 24 -24.45 -8.36 36.18
CA GLN C 24 -24.03 -7.66 37.40
C GLN C 24 -22.56 -7.80 37.79
N ILE C 25 -21.92 -6.65 38.04
CA ILE C 25 -20.52 -6.59 38.46
C ILE C 25 -20.42 -5.85 39.77
N GLU C 26 -19.26 -5.92 40.41
CA GLU C 26 -18.98 -4.96 41.46
C GLU C 26 -17.67 -4.22 41.26
N ILE C 27 -17.65 -2.97 41.73
CA ILE C 27 -16.48 -2.09 41.65
C ILE C 27 -16.05 -1.81 43.08
N GLU C 28 -14.81 -2.17 43.41
CA GLU C 28 -14.30 -1.95 44.74
C GLU C 28 -13.14 -0.95 44.76
N TRP C 29 -13.31 0.15 45.46
CA TRP C 29 -12.22 1.09 45.64
C TRP C 29 -11.55 0.81 46.97
N VAL C 30 -10.36 0.23 46.93
CA VAL C 30 -9.71 -0.31 48.10
C VAL C 30 -9.45 0.74 49.18
N GLN C 31 -8.68 1.77 48.85
CA GLN C 31 -8.34 2.76 49.87
C GLN C 31 -9.57 3.44 50.53
N PRO C 32 -10.57 3.85 49.75
CA PRO C 32 -11.80 4.35 50.38
C PRO C 32 -12.65 3.26 51.05
N GLY C 33 -12.42 2.00 50.69
CA GLY C 33 -13.13 0.90 51.30
C GLY C 33 -14.61 0.98 51.00
N ILE C 34 -14.92 1.26 49.73
CA ILE C 34 -16.29 1.30 49.27
C ILE C 34 -16.44 0.32 48.12
N THR C 35 -17.58 -0.37 48.06
CA THR C 35 -17.83 -1.31 46.98
C THR C 35 -19.24 -1.04 46.48
N VAL C 36 -19.42 -1.00 45.17
CA VAL C 36 -20.76 -0.81 44.63
C VAL C 36 -21.10 -1.94 43.67
N THR C 37 -22.39 -2.13 43.41
CA THR C 37 -22.83 -3.12 42.46
C THR C 37 -23.39 -2.38 41.25
N ALA C 38 -23.08 -2.87 40.05
CA ALA C 38 -23.67 -2.26 38.85
C ALA C 38 -24.29 -3.29 37.93
N ASP C 39 -25.42 -2.93 37.34
CA ASP C 39 -26.02 -3.78 36.34
C ASP C 39 -25.30 -3.57 35.02
N LEU C 40 -25.05 -4.66 34.30
CA LEU C 40 -24.50 -4.57 32.96
C LEU C 40 -25.63 -4.83 31.99
N SER C 41 -25.77 -4.01 30.96
CA SER C 41 -26.86 -4.16 30.00
C SER C 41 -26.41 -4.39 28.56
N TRP C 42 -26.87 -5.50 27.97
CA TRP C 42 -26.59 -5.83 26.56
C TRP C 42 -27.53 -5.09 25.59
N GLU C 43 -28.43 -4.29 26.15
CA GLU C 43 -29.50 -3.69 25.36
C GLU C 43 -29.04 -2.71 24.28
N ARG C 44 -28.03 -1.91 24.58
CA ARG C 44 -27.64 -0.86 23.63
C ARG C 44 -26.26 -1.09 23.05
N ASN C 45 -25.35 -1.62 23.86
CA ASN C 45 -24.00 -1.90 23.41
C ASN C 45 -23.58 -3.28 23.80
N PRO C 46 -24.19 -4.30 23.18
CA PRO C 46 -23.98 -5.70 23.52
C PRO C 46 -22.53 -6.16 23.30
N GLU C 47 -21.87 -5.69 22.23
CA GLU C 47 -20.48 -6.08 21.96
C GLU C 47 -19.56 -5.58 23.06
N LEU C 48 -19.78 -4.35 23.50
CA LEU C 48 -19.01 -3.77 24.58
C LEU C 48 -19.31 -4.47 25.91
N ALA C 49 -20.58 -4.76 26.16
CA ALA C 49 -20.97 -5.49 27.36
C ALA C 49 -20.37 -6.88 27.39
N GLU C 50 -20.48 -7.58 26.25
CA GLU C 50 -19.89 -8.90 26.11
C GLU C 50 -18.40 -8.89 26.40
N LEU C 51 -17.69 -7.95 25.77
CA LEU C 51 -16.26 -7.80 25.97
C LEU C 51 -15.87 -7.63 27.44
N LEU C 52 -16.56 -6.72 28.13
CA LEU C 52 -16.34 -6.52 29.56
C LEU C 52 -16.59 -7.80 30.33
N TRP C 53 -17.75 -8.40 30.09
CA TRP C 53 -18.17 -9.59 30.85
C TRP C 53 -17.28 -10.82 30.65
N THR C 54 -16.99 -11.14 29.39
CA THR C 54 -16.26 -12.38 29.10
C THR C 54 -14.76 -12.18 28.96
N GLY C 55 -14.36 -11.02 28.46
CA GLY C 55 -12.96 -10.79 28.13
C GLY C 55 -12.18 -9.96 29.13
N LEU C 56 -12.83 -8.97 29.74
CA LEU C 56 -12.10 -8.03 30.58
C LEU C 56 -12.05 -8.43 32.06
N LEU C 57 -13.18 -8.89 32.61
CA LEU C 57 -13.28 -9.21 34.04
C LEU C 57 -12.55 -10.51 34.38
N PRO C 58 -11.97 -10.58 35.60
CA PRO C 58 -11.78 -9.49 36.56
C PRO C 58 -10.45 -8.80 36.32
N TYR C 59 -10.35 -7.56 36.77
CA TYR C 59 -9.12 -6.81 36.60
C TYR C 59 -9.02 -5.78 37.72
N ASN C 60 -7.81 -5.29 37.97
CA ASN C 60 -7.62 -4.13 38.84
C ASN C 60 -7.05 -2.99 38.03
N SER C 61 -6.91 -1.82 38.67
CA SER C 61 -6.48 -0.60 37.98
C SER C 61 -6.23 0.56 38.98
N LEU C 62 -5.55 1.60 38.50
CA LEU C 62 -5.32 2.83 39.22
C LEU C 62 -6.47 3.79 38.95
N GLN C 63 -7.21 4.14 39.99
CA GLN C 63 -8.41 4.97 39.80
C GLN C 63 -8.07 6.45 39.64
N ASN C 64 -8.55 7.04 38.57
CA ASN C 64 -8.35 8.44 38.33
C ASN C 64 -9.66 9.20 38.43
N HIS C 65 -9.54 10.50 38.61
CA HIS C 65 -10.66 11.41 38.56
C HIS C 65 -10.43 12.32 37.38
N ALA C 66 -11.46 12.50 36.56
CA ALA C 66 -11.40 13.48 35.47
C ALA C 66 -11.03 14.84 36.04
N LEU C 67 -10.04 15.49 35.43
CA LEU C 67 -9.62 16.82 35.86
C LEU C 67 -10.36 17.92 35.12
N VAL C 68 -10.91 17.58 33.96
CA VAL C 68 -11.60 18.55 33.13
C VAL C 68 -13.08 18.24 33.02
N SER C 69 -13.40 16.96 32.81
CA SER C 69 -14.75 16.55 32.46
C SER C 69 -15.84 16.75 33.53
N GLY C 70 -15.44 16.70 34.80
CA GLY C 70 -16.41 16.87 35.88
C GLY C 70 -16.38 15.74 36.91
N ASN C 71 -17.52 15.45 37.50
CA ASN C 71 -17.61 14.37 38.49
C ASN C 71 -17.62 13.01 37.79
N HIS C 72 -16.45 12.60 37.35
CA HIS C 72 -16.32 11.47 36.47
C HIS C 72 -15.14 10.69 36.95
N LEU C 73 -15.29 9.39 37.08
CA LEU C 73 -14.17 8.52 37.42
C LEU C 73 -13.84 7.66 36.23
N TYR C 74 -12.55 7.57 35.88
CA TYR C 74 -12.13 6.61 34.87
C TYR C 74 -10.86 5.88 35.27
N HIS C 75 -10.74 4.63 34.83
CA HIS C 75 -9.53 3.86 35.06
C HIS C 75 -9.19 3.10 33.80
N LEU C 76 -7.94 2.66 33.70
CA LEU C 76 -7.42 2.01 32.50
C LEU C 76 -7.58 0.50 32.53
N ILE C 77 -8.07 -0.08 31.44
CA ILE C 77 -8.16 -1.53 31.33
C ILE C 77 -7.11 -2.05 30.35
N ALA C 78 -6.28 -2.96 30.83
CA ALA C 78 -5.14 -3.43 30.06
C ALA C 78 -5.55 -4.41 28.96
N ASP C 79 -6.17 -3.92 27.91
CA ASP C 79 -6.63 -4.79 26.83
C ASP C 79 -6.84 -3.98 25.56
N PRO C 80 -6.11 -4.33 24.50
CA PRO C 80 -6.18 -3.55 23.27
C PRO C 80 -7.56 -3.51 22.61
N ARG C 81 -8.42 -4.47 22.94
CA ARG C 81 -9.71 -4.53 22.27
C ARG C 81 -10.57 -3.29 22.54
N LEU C 82 -10.35 -2.64 23.67
CA LEU C 82 -11.07 -1.40 23.98
C LEU C 82 -10.74 -0.30 22.97
N VAL C 83 -9.53 -0.34 22.41
CA VAL C 83 -9.10 0.64 21.43
C VAL C 83 -10.00 0.64 20.20
N TYR C 84 -10.40 -0.55 19.73
CA TYR C 84 -11.04 -0.64 18.40
C TYR C 84 -12.41 -1.27 18.29
N THR C 85 -12.97 -1.72 19.41
CA THR C 85 -14.33 -2.25 19.45
C THR C 85 -15.33 -1.09 19.43
N GLU C 86 -16.28 -1.14 18.52
CA GLU C 86 -17.18 -0.02 18.31
C GLU C 86 -18.43 -0.04 19.20
N ALA C 87 -18.91 1.14 19.55
CA ALA C 87 -20.16 1.24 20.26
C ALA C 87 -21.26 1.11 19.22
N ARG C 88 -22.43 0.65 19.63
CA ARG C 88 -23.57 0.68 18.73
C ARG C 88 -24.34 1.94 19.04
N TYR C 89 -24.17 2.42 20.26
CA TYR C 89 -24.98 3.52 20.76
C TYR C 89 -24.17 4.41 21.68
N LYS C 90 -24.15 5.70 21.38
CA LYS C 90 -23.56 6.68 22.28
C LYS C 90 -24.64 7.70 22.70
N GLU C 91 -24.31 8.50 23.70
CA GLU C 91 -25.21 9.56 24.12
C GLU C 91 -24.37 10.68 24.71
N ASP C 92 -24.95 11.88 24.79
CA ASP C 92 -24.33 13.03 25.45
C ASP C 92 -24.14 12.66 26.92
N ARG C 93 -22.90 12.48 27.34
CA ARG C 93 -22.62 11.98 28.68
C ARG C 93 -23.01 12.97 29.80
N THR C 94 -23.22 14.24 29.46
CA THR C 94 -23.66 15.19 30.47
C THR C 94 -25.08 14.86 30.91
N LYS C 95 -25.82 14.20 30.01
CA LYS C 95 -27.24 13.95 30.20
C LYS C 95 -27.55 12.60 30.82
N SER C 96 -26.59 11.69 30.75
CA SER C 96 -26.72 10.37 31.35
C SER C 96 -27.01 10.49 32.84
N PRO C 97 -27.66 9.48 33.43
CA PRO C 97 -27.94 9.52 34.87
C PRO C 97 -26.68 9.22 35.67
N ASP C 98 -26.64 9.67 36.92
CA ASP C 98 -25.53 9.38 37.80
C ASP C 98 -25.50 7.89 38.08
N GLY C 99 -24.31 7.31 37.98
CA GLY C 99 -24.11 5.89 38.17
C GLY C 99 -23.94 5.14 36.86
N THR C 100 -24.08 5.84 35.74
CA THR C 100 -23.93 5.20 34.43
C THR C 100 -22.48 4.74 34.20
N VAL C 101 -22.32 3.48 33.81
CA VAL C 101 -20.99 2.95 33.51
C VAL C 101 -20.76 3.02 32.00
N PHE C 102 -19.59 3.49 31.58
CA PHE C 102 -19.25 3.64 30.18
C PHE C 102 -17.96 2.89 29.86
N LEU C 103 -17.80 2.54 28.59
CA LEU C 103 -16.52 2.08 28.07
C LEU C 103 -16.14 2.98 26.90
N SER C 104 -14.86 3.34 26.80
CA SER C 104 -14.43 4.27 25.78
C SER C 104 -13.27 3.69 25.00
N GLN C 105 -12.98 4.26 23.84
CA GLN C 105 -11.85 3.78 23.08
C GLN C 105 -10.52 4.33 23.61
N LEU C 106 -10.57 5.14 24.66
CA LEU C 106 -9.35 5.54 25.34
C LEU C 106 -8.89 4.42 26.28
N GLN C 107 -9.56 3.27 26.22
CA GLN C 107 -9.31 2.14 27.12
C GLN C 107 -9.78 2.39 28.55
N HIS C 108 -10.87 3.13 28.71
CA HIS C 108 -11.38 3.41 30.04
C HIS C 108 -12.64 2.62 30.38
N LEU C 109 -12.81 2.36 31.68
CA LEU C 109 -14.14 2.24 32.22
C LEU C 109 -14.40 3.53 33.00
N ALA C 110 -15.49 4.20 32.68
CA ALA C 110 -15.83 5.43 33.34
C ALA C 110 -17.16 5.25 34.06
N VAL C 111 -17.31 5.91 35.19
CA VAL C 111 -18.59 5.98 35.89
C VAL C 111 -18.87 7.41 36.23
N LYS C 112 -20.06 7.90 35.90
CA LYS C 112 -20.48 9.25 36.27
C LYS C 112 -21.12 9.28 37.68
N TYR C 113 -20.69 10.20 38.54
CA TYR C 113 -21.22 10.29 39.89
C TYR C 113 -21.80 11.66 40.21
N GLY C 114 -21.86 12.51 39.20
CA GLY C 114 -22.36 13.86 39.34
C GLY C 114 -22.24 14.58 38.02
N PRO C 115 -22.47 15.90 38.03
CA PRO C 115 -22.57 16.71 36.80
C PRO C 115 -21.28 16.67 36.01
N LEU C 116 -21.40 16.70 34.68
CA LEU C 116 -20.25 16.73 33.80
C LEU C 116 -20.41 17.90 32.86
N THR C 117 -19.30 18.43 32.37
CA THR C 117 -19.39 19.50 31.38
C THR C 117 -19.00 18.97 30.01
N GLU C 118 -18.16 17.94 29.96
CA GLU C 118 -17.77 17.31 28.70
C GLU C 118 -18.97 16.65 28.04
N TYR C 119 -19.45 17.25 26.95
CA TYR C 119 -20.67 16.77 26.28
C TYR C 119 -20.39 15.80 25.13
N LEU C 120 -19.17 15.26 25.10
CA LEU C 120 -18.78 14.32 24.05
C LEU C 120 -19.55 13.02 24.22
N PRO C 121 -20.04 12.46 23.11
CA PRO C 121 -20.82 11.21 23.15
C PRO C 121 -20.05 10.10 23.86
N ALA C 122 -20.72 9.35 24.71
CA ALA C 122 -20.06 8.27 25.43
C ALA C 122 -20.87 7.00 25.24
N ALA C 123 -20.23 5.85 25.43
CA ALA C 123 -20.91 4.57 25.22
C ALA C 123 -21.29 3.89 26.54
N PRO C 124 -22.57 3.96 26.91
CA PRO C 124 -23.05 3.38 28.16
C PRO C 124 -23.21 1.86 28.07
N VAL C 125 -22.83 1.15 29.12
CA VAL C 125 -22.95 -0.31 29.11
C VAL C 125 -23.63 -0.81 30.38
N GLY C 126 -23.90 0.12 31.30
CA GLY C 126 -24.60 -0.24 32.53
C GLY C 126 -24.79 0.89 33.52
N SER C 127 -25.24 0.54 34.73
CA SER C 127 -25.39 1.55 35.78
C SER C 127 -25.26 0.99 37.18
N VAL C 128 -24.69 1.80 38.08
CA VAL C 128 -24.61 1.42 39.49
C VAL C 128 -26.04 1.34 40.01
N VAL C 129 -26.34 0.29 40.76
CA VAL C 129 -27.69 0.09 41.30
C VAL C 129 -28.09 1.30 42.14
N PRO C 130 -29.39 1.64 42.13
CA PRO C 130 -29.83 2.89 42.75
C PRO C 130 -29.43 3.00 44.23
N GLU C 131 -29.34 1.86 44.92
CA GLU C 131 -29.07 1.86 46.36
C GLU C 131 -27.61 2.18 46.68
N ASP C 132 -26.77 2.15 45.65
CA ASP C 132 -25.34 2.36 45.87
C ASP C 132 -24.87 3.72 45.40
N ILE C 133 -25.79 4.53 44.89
CA ILE C 133 -25.45 5.83 44.35
C ILE C 133 -24.74 6.73 45.37
N ASP C 134 -25.19 6.73 46.62
CA ASP C 134 -24.61 7.59 47.65
C ASP C 134 -23.20 7.17 47.98
N ALA C 135 -22.98 5.86 48.03
CA ALA C 135 -21.67 5.34 48.32
C ALA C 135 -20.74 5.70 47.15
N LEU C 136 -21.24 5.55 45.93
CA LEU C 136 -20.50 5.91 44.72
C LEU C 136 -20.00 7.33 44.79
N ARG C 137 -20.87 8.26 45.19
CA ARG C 137 -20.49 9.67 45.30
C ARG C 137 -19.41 9.90 46.35
N GLU C 138 -19.50 9.17 47.46
CA GLU C 138 -18.45 9.24 48.48
C GLU C 138 -17.12 8.73 47.91
N ALA C 139 -17.20 7.68 47.09
CA ALA C 139 -16.01 7.18 46.40
C ALA C 139 -15.48 8.24 45.45
N GLY C 140 -16.39 8.85 44.68
CA GLY C 140 -16.02 9.93 43.79
C GLY C 140 -15.24 11.01 44.51
N ARG C 141 -15.79 11.50 45.61
CA ARG C 141 -15.15 12.57 46.38
C ARG C 141 -13.80 12.12 46.93
N ALA C 142 -13.72 10.86 47.36
CA ALA C 142 -12.49 10.34 47.93
C ALA C 142 -11.39 10.29 46.87
N CYS C 143 -11.78 9.97 45.64
CA CYS C 143 -10.81 9.93 44.55
C CYS C 143 -10.34 11.33 44.19
N TRP C 144 -11.26 12.28 44.25
CA TRP C 144 -10.94 13.68 44.03
C TRP C 144 -9.93 14.15 45.07
N LYS C 145 -10.17 13.83 46.33
CA LYS C 145 -9.27 14.22 47.41
C LYS C 145 -7.84 13.71 47.18
N ALA C 146 -7.71 12.50 46.65
CA ALA C 146 -6.38 11.95 46.38
C ALA C 146 -5.67 12.68 45.23
N ALA C 147 -6.41 13.01 44.16
CA ALA C 147 -5.81 13.69 43.02
C ALA C 147 -5.53 15.16 43.33
N TRP C 148 -6.45 15.80 44.04
CA TRP C 148 -6.34 17.21 44.43
C TRP C 148 -5.37 17.47 45.57
N GLU C 149 -5.34 16.60 46.58
CA GLU C 149 -4.62 16.94 47.80
C GLU C 149 -3.62 15.92 48.28
N THR C 150 -4.05 14.68 48.50
CA THR C 150 -3.23 13.71 49.23
C THR C 150 -2.27 12.89 48.40
N LYS C 151 -2.56 12.72 47.11
CA LYS C 151 -1.74 11.92 46.19
C LYS C 151 -1.65 10.47 46.63
N GLN C 152 -2.61 10.03 47.44
CA GLN C 152 -2.69 8.62 47.81
C GLN C 152 -3.17 7.82 46.62
N PRO C 153 -2.37 6.84 46.16
CA PRO C 153 -2.89 6.03 45.05
C PRO C 153 -4.11 5.21 45.48
N ILE C 154 -5.10 5.17 44.60
CA ILE C 154 -6.34 4.45 44.85
C ILE C 154 -6.42 3.25 43.93
N GLU C 155 -6.42 2.04 44.49
CA GLU C 155 -6.58 0.86 43.64
C GLU C 155 -8.06 0.54 43.45
N VAL C 156 -8.46 0.26 42.21
CA VAL C 156 -9.82 -0.18 41.98
C VAL C 156 -9.81 -1.62 41.51
N ARG C 157 -10.76 -2.42 42.02
CA ARG C 157 -10.87 -3.83 41.68
C ARG C 157 -12.25 -4.02 41.11
N VAL C 158 -12.33 -4.66 39.95
CA VAL C 158 -13.63 -4.84 39.29
C VAL C 158 -13.86 -6.31 39.02
N ARG C 159 -15.06 -6.78 39.31
CA ARG C 159 -15.33 -8.23 39.39
C ARG C 159 -16.75 -8.58 38.93
N ARG C 160 -16.94 -9.79 38.40
CA ARG C 160 -18.28 -10.35 38.29
C ARG C 160 -18.77 -10.53 39.71
N LYS C 161 -20.00 -10.12 40.00
CA LYS C 161 -20.54 -10.26 41.36
C LYS C 161 -20.62 -11.71 41.82
N GLY C 162 -20.08 -12.00 43.00
CA GLY C 162 -20.02 -13.38 43.45
C GLY C 162 -18.62 -13.96 43.35
N GLU C 163 -18.04 -13.92 42.15
CA GLU C 163 -16.68 -14.46 41.96
C GLU C 163 -15.62 -13.65 42.71
N ALA C 164 -15.05 -14.24 43.75
CA ALA C 164 -13.97 -13.59 44.50
C ALA C 164 -12.67 -13.75 43.74
N VAL C 165 -11.79 -12.77 43.86
CA VAL C 165 -10.58 -12.70 43.05
C VAL C 165 -9.40 -12.30 43.92
N THR C 166 -8.45 -13.22 44.08
CA THR C 166 -7.31 -12.94 44.95
C THR C 166 -6.19 -12.18 44.22
N ASP C 167 -5.66 -12.76 43.14
CA ASP C 167 -4.53 -12.18 42.42
C ASP C 167 -4.95 -11.47 41.13
N PHE C 168 -4.29 -10.36 40.84
CA PHE C 168 -4.51 -9.64 39.59
C PHE C 168 -3.21 -9.55 38.81
N ALA C 169 -3.20 -10.12 37.62
CA ALA C 169 -2.02 -10.02 36.75
C ALA C 169 -2.43 -9.40 35.44
N LEU C 170 -1.60 -8.51 34.90
CA LEU C 170 -1.93 -7.89 33.61
C LEU C 170 -2.01 -8.93 32.51
N PRO C 171 -3.06 -8.85 31.70
CA PRO C 171 -3.18 -9.70 30.50
C PRO C 171 -1.89 -9.66 29.68
N ARG C 172 -1.40 -10.82 29.27
CA ARG C 172 -0.27 -10.85 28.34
C ARG C 172 -0.84 -11.15 26.95
N THR C 173 -0.11 -10.76 25.91
CA THR C 173 -0.50 -11.12 24.57
C THR C 173 0.11 -12.48 24.28
N PRO C 174 -0.60 -13.31 23.50
CA PRO C 174 -0.09 -14.64 23.12
C PRO C 174 1.30 -14.50 22.50
N PRO C 175 2.26 -15.29 22.99
CA PRO C 175 3.65 -15.25 22.53
C PRO C 175 3.78 -15.33 21.00
N VAL C 176 4.77 -14.64 20.43
CA VAL C 176 4.86 -14.58 18.99
C VAL C 176 6.06 -15.32 18.42
N ASP C 177 6.01 -15.54 17.11
CA ASP C 177 6.93 -16.41 16.41
C ASP C 177 8.31 -15.79 16.21
N HIS C 178 8.66 -14.79 17.01
CA HIS C 178 9.94 -14.11 16.81
C HIS C 178 10.60 -13.78 18.15
N PRO C 179 11.76 -14.39 18.42
CA PRO C 179 12.43 -14.37 19.72
C PRO C 179 12.79 -12.95 20.22
N GLY C 180 13.38 -12.14 19.36
CA GLY C 180 13.71 -10.77 19.70
C GLY C 180 12.49 -9.97 20.11
N VAL C 181 11.46 -10.00 19.26
CA VAL C 181 10.20 -9.32 19.55
C VAL C 181 9.57 -9.80 20.84
N GLN C 182 9.40 -11.10 20.97
CA GLN C 182 8.75 -11.67 22.15
C GLN C 182 9.47 -11.34 23.47
N LYS C 183 10.81 -11.35 23.45
CA LYS C 183 11.58 -10.99 24.63
C LYS C 183 11.25 -9.57 25.05
N LEU C 184 11.35 -8.65 24.10
CA LEU C 184 11.09 -7.23 24.37
C LEU C 184 9.66 -7.02 24.87
N VAL C 185 8.70 -7.66 24.20
CA VAL C 185 7.30 -7.57 24.58
C VAL C 185 7.14 -7.96 26.04
N GLU C 186 7.87 -8.99 26.46
CA GLU C 186 7.75 -9.47 27.82
C GLU C 186 8.36 -8.51 28.84
N GLU C 187 9.49 -7.93 28.48
CA GLU C 187 10.14 -6.95 29.33
C GLU C 187 9.27 -5.72 29.52
N ILE C 188 8.59 -5.31 28.46
CA ILE C 188 7.73 -4.14 28.56
C ILE C 188 6.51 -4.44 29.43
N GLN C 189 5.84 -5.55 29.13
CA GLN C 189 4.69 -5.96 29.91
C GLN C 189 5.01 -6.23 31.38
N ASP C 190 6.20 -6.75 31.66
CA ASP C 190 6.65 -6.94 33.03
C ASP C 190 6.71 -5.59 33.75
N GLU C 191 7.27 -4.59 33.08
CA GLU C 191 7.41 -3.26 33.65
C GLU C 191 6.07 -2.60 33.91
N THR C 192 5.18 -2.69 32.94
CA THR C 192 3.86 -2.09 33.00
C THR C 192 3.10 -2.64 34.19
N GLU C 193 3.21 -3.94 34.38
CA GLU C 193 2.56 -4.61 35.50
C GLU C 193 3.19 -4.17 36.82
N ARG C 194 4.52 -4.08 36.84
CA ARG C 194 5.23 -3.81 38.06
C ARG C 194 4.81 -2.48 38.66
N VAL C 195 4.64 -1.47 37.82
CA VAL C 195 4.21 -0.15 38.26
C VAL C 195 2.74 0.16 37.93
N TRP C 196 1.92 -0.88 37.77
CA TRP C 196 0.50 -0.74 37.44
C TRP C 196 -0.25 0.03 38.55
N ILE C 197 -0.09 -0.41 39.80
CA ILE C 197 -0.69 0.31 40.92
C ILE C 197 0.36 0.73 41.95
N THR C 198 1.63 0.50 41.65
CA THR C 198 2.73 1.03 42.47
C THR C 198 3.40 2.16 41.71
N PRO C 199 3.49 3.35 42.30
CA PRO C 199 4.01 4.51 41.56
C PRO C 199 5.38 4.25 40.95
N PRO C 200 5.57 4.61 39.66
CA PRO C 200 6.89 4.49 39.02
C PRO C 200 7.82 5.57 39.57
N ALA C 201 9.05 5.19 39.88
CA ALA C 201 10.04 6.08 40.45
C ALA C 201 10.33 7.29 39.55
N GLU C 202 10.46 7.03 38.25
CA GLU C 202 10.81 8.08 37.31
C GLU C 202 9.76 9.20 37.36
N ILE C 203 8.50 8.82 37.50
CA ILE C 203 7.39 9.77 37.61
C ILE C 203 7.39 10.46 38.97
N VAL C 204 7.61 9.68 40.02
CA VAL C 204 7.68 10.23 41.38
C VAL C 204 8.78 11.28 41.47
N ASP C 205 9.97 10.93 41.01
CA ASP C 205 11.14 11.81 41.06
C ASP C 205 10.99 13.15 40.33
N HIS C 207 8.20 14.77 39.62
CA HIS C 207 7.30 15.57 40.41
C HIS C 207 7.92 16.14 41.70
N GLN C 208 9.00 15.51 42.15
CA GLN C 208 9.69 15.99 43.35
C GLN C 208 10.93 16.82 43.00
N GLY C 209 11.15 17.07 41.72
CA GLY C 209 12.32 17.83 41.30
C GLY C 209 13.62 17.04 41.18
N ARG C 210 13.58 15.72 41.41
CA ARG C 210 14.78 14.90 41.29
C ARG C 210 15.01 14.46 39.84
N ILE C 211 15.37 15.42 38.99
CA ILE C 211 15.55 15.19 37.56
C ILE C 211 17.02 15.31 37.19
N ALA C 212 17.61 14.21 36.72
CA ALA C 212 19.04 14.16 36.45
C ALA C 212 19.51 15.14 35.38
N SER C 213 18.67 15.43 34.41
CA SER C 213 19.05 16.32 33.32
C SER C 213 18.87 17.78 33.70
N ARG C 214 18.22 18.02 34.83
CA ARG C 214 17.87 19.36 35.30
C ARG C 214 17.00 20.13 34.29
N ALA C 215 16.20 19.40 33.54
CA ALA C 215 15.34 20.00 32.52
C ALA C 215 14.37 21.04 33.09
N GLY C 216 14.28 22.16 32.40
CA GLY C 216 13.39 23.24 32.73
C GLY C 216 14.19 24.53 32.63
N SER C 217 13.63 25.55 31.99
CA SER C 217 14.34 26.81 31.83
C SER C 217 14.47 27.61 33.13
N TYR C 218 15.58 28.31 33.28
CA TYR C 218 15.80 29.22 34.41
C TYR C 218 15.61 28.58 35.81
N ASP C 219 16.12 27.35 35.93
CA ASP C 219 16.29 26.64 37.20
C ASP C 219 15.00 26.29 37.92
N GLN C 220 13.95 26.00 37.15
CA GLN C 220 12.73 25.48 37.71
C GLN C 220 12.20 24.33 36.86
N TYR C 221 11.35 23.48 37.44
CA TYR C 221 10.87 22.30 36.73
C TYR C 221 9.35 22.18 36.60
N PHE C 222 8.62 23.23 36.98
CA PHE C 222 7.16 23.24 36.83
C PHE C 222 6.81 23.07 35.35
N SER C 223 7.45 23.86 34.50
CA SER C 223 7.23 23.76 33.07
C SER C 223 7.53 22.35 32.57
N THR C 224 8.56 21.72 33.11
CA THR C 224 8.89 20.34 32.74
C THR C 224 7.73 19.41 33.04
N LEU C 225 7.12 19.56 34.21
CA LEU C 225 5.95 18.76 34.58
C LEU C 225 4.77 19.02 33.67
N VAL C 226 4.67 20.24 33.16
CA VAL C 226 3.59 20.56 32.25
C VAL C 226 3.80 19.86 30.91
N PHE C 227 5.02 19.86 30.40
CA PHE C 227 5.30 19.12 29.15
C PHE C 227 5.24 17.61 29.35
N LEU C 228 5.71 17.13 30.51
CA LEU C 228 5.64 15.71 30.83
C LEU C 228 4.20 15.21 30.78
N ASN C 229 3.31 15.96 31.42
CA ASN C 229 1.90 15.63 31.49
C ASN C 229 1.27 15.68 30.11
N GLY C 230 1.67 16.68 29.34
CA GLY C 230 1.08 16.98 28.05
C GLY C 230 1.55 16.07 26.92
N GLU C 231 2.78 15.57 26.99
CA GLU C 231 3.35 14.81 25.89
C GLU C 231 3.11 13.31 26.02
N VAL C 232 3.02 12.85 27.27
CA VAL C 232 2.84 11.44 27.53
C VAL C 232 1.44 11.00 27.10
N ARG C 233 0.43 11.80 27.46
CA ARG C 233 -0.95 11.42 27.19
C ARG C 233 -1.28 11.07 25.71
N PRO C 234 -1.11 12.03 24.76
CA PRO C 234 -1.39 11.74 23.33
C PRO C 234 -0.47 10.68 22.77
N LEU C 235 0.78 10.62 23.22
CA LEU C 235 1.69 9.60 22.73
C LEU C 235 1.04 8.23 22.88
N GLY C 236 0.34 8.05 24.00
CA GLY C 236 -0.34 6.81 24.32
C GLY C 236 -1.66 6.64 23.65
N TYR C 237 -2.60 7.57 23.87
CA TYR C 237 -3.95 7.40 23.33
C TYR C 237 -4.05 7.68 21.84
N CYS C 238 -3.25 8.62 21.35
CA CYS C 238 -3.34 9.05 19.96
C CYS C 238 -2.35 8.37 19.03
N ALA C 239 -1.06 8.53 19.31
CA ALA C 239 -0.03 8.01 18.42
C ALA C 239 0.03 6.49 18.54
N LEU C 240 0.43 5.98 19.71
CA LEU C 240 0.55 4.54 19.89
C LEU C 240 -0.77 3.77 19.70
N ASN C 241 -1.85 4.25 20.32
CA ASN C 241 -3.13 3.53 20.23
C ASN C 241 -3.74 3.65 18.84
N GLY C 242 -3.41 4.73 18.15
CA GLY C 242 -3.90 4.97 16.80
C GLY C 242 -3.30 4.01 15.79
N LEU C 243 -2.02 3.69 15.98
CA LEU C 243 -1.34 2.67 15.20
C LEU C 243 -2.01 1.31 15.39
N LEU C 244 -2.42 1.03 16.63
CA LEU C 244 -3.08 -0.22 16.96
C LEU C 244 -4.43 -0.30 16.27
N LYS C 245 -5.12 0.83 16.23
CA LYS C 245 -6.45 0.86 15.63
C LYS C 245 -6.36 0.67 14.12
N ILE C 246 -5.38 1.31 13.49
CA ILE C 246 -5.16 1.13 12.06
C ILE C 246 -4.80 -0.30 11.72
N CYS C 247 -3.95 -0.92 12.54
CA CYS C 247 -3.53 -2.29 12.32
C CYS C 247 -4.71 -3.26 12.38
N ARG C 248 -5.63 -3.05 13.31
CA ARG C 248 -6.73 -3.97 13.50
C ARG C 248 -7.98 -3.67 12.66
N THR C 249 -8.19 -2.40 12.29
CA THR C 249 -9.44 -2.04 11.62
C THR C 249 -9.27 -1.69 10.13
N THR C 250 -8.03 -1.73 9.64
CA THR C 250 -7.77 -1.60 8.22
C THR C 250 -6.79 -2.64 7.73
N ASP C 251 -6.73 -2.80 6.41
CA ASP C 251 -5.77 -3.70 5.79
C ASP C 251 -4.51 -3.00 5.29
N LEU C 252 -4.13 -1.89 5.92
CA LEU C 252 -2.85 -1.25 5.63
C LEU C 252 -1.73 -2.29 5.67
N THR C 253 -0.89 -2.34 4.64
CA THR C 253 0.16 -3.35 4.58
C THR C 253 1.11 -3.27 5.77
N LEU C 254 1.70 -4.40 6.13
CA LEU C 254 2.70 -4.42 7.20
C LEU C 254 3.88 -3.54 6.83
N ASN C 255 4.25 -3.53 5.56
CA ASN C 255 5.35 -2.66 5.11
C ASN C 255 5.08 -1.20 5.49
N ASP C 256 3.83 -0.77 5.29
CA ASP C 256 3.43 0.60 5.55
C ASP C 256 3.26 0.90 7.05
N LEU C 257 2.75 -0.07 7.80
CA LEU C 257 2.69 0.07 9.25
C LEU C 257 4.09 0.33 9.79
N LYS C 258 5.07 -0.40 9.27
CA LYS C 258 6.42 -0.27 9.73
C LYS C 258 7.00 1.09 9.39
N ARG C 259 6.76 1.55 8.16
CA ARG C 259 7.22 2.85 7.68
C ARG C 259 6.69 4.06 8.48
N ILE C 260 5.41 4.06 8.84
CA ILE C 260 4.83 5.25 9.42
C ILE C 260 4.98 5.28 10.92
N THR C 261 5.30 4.15 11.53
CA THR C 261 5.37 4.10 12.97
C THR C 261 6.37 5.09 13.62
N PRO C 262 7.64 5.10 13.14
CA PRO C 262 8.61 6.00 13.79
C PRO C 262 8.19 7.47 13.76
N THR C 263 7.52 7.88 12.69
CA THR C 263 7.10 9.27 12.51
C THR C 263 6.18 9.73 13.62
N PHE C 264 5.38 8.82 14.16
CA PHE C 264 4.47 9.21 15.24
C PHE C 264 5.02 9.03 16.66
N ILE C 265 6.04 8.20 16.84
CA ILE C 265 6.41 7.83 18.21
C ILE C 265 7.84 8.19 18.63
N LYS C 266 8.72 8.50 17.69
CA LYS C 266 10.11 8.76 18.06
C LYS C 266 10.35 10.05 18.89
N THR C 267 10.06 11.18 18.28
CA THR C 267 10.27 12.49 18.84
C THR C 267 9.65 12.73 20.23
N PRO C 268 8.36 12.40 20.41
CA PRO C 268 7.85 12.59 21.77
C PRO C 268 8.59 11.75 22.81
N ALA C 269 8.95 10.52 22.48
CA ALA C 269 9.66 9.69 23.43
C ALA C 269 11.09 10.20 23.67
N GLU C 270 11.75 10.71 22.63
CA GLU C 270 13.11 11.17 22.79
C GLU C 270 13.15 12.37 23.73
N PHE C 271 12.23 13.30 23.50
CA PHE C 271 12.17 14.51 24.31
C PHE C 271 11.80 14.13 25.75
N LEU C 272 10.88 13.19 25.89
CA LEU C 272 10.50 12.74 27.23
C LEU C 272 11.65 12.02 27.95
N GLY C 273 12.45 11.30 27.18
CA GLY C 273 13.63 10.63 27.72
C GLY C 273 14.54 11.63 28.41
N TYR C 274 14.79 12.74 27.74
CA TYR C 274 15.65 13.79 28.25
C TYR C 274 15.06 14.43 29.52
N THR C 275 13.75 14.63 29.57
CA THR C 275 13.14 15.18 30.77
C THR C 275 13.18 14.21 31.96
N GLY C 276 13.30 12.90 31.71
CA GLY C 276 13.40 11.96 32.82
C GLY C 276 12.72 10.62 32.64
N LEU C 277 11.93 10.45 31.59
CA LEU C 277 11.37 9.13 31.33
C LEU C 277 12.39 8.29 30.54
N ASP C 278 13.40 7.78 31.25
CA ASP C 278 14.46 7.00 30.64
C ASP C 278 13.96 5.65 30.13
N THR C 279 13.07 5.04 30.88
CA THR C 279 12.58 3.73 30.52
C THR C 279 11.71 3.80 29.27
N LEU C 280 10.83 4.81 29.20
CA LEU C 280 9.99 5.01 28.02
C LEU C 280 10.85 5.16 26.76
N TRP C 281 11.88 6.00 26.85
CA TRP C 281 12.80 6.22 25.74
C TRP C 281 13.62 4.96 25.41
N ARG C 282 14.12 4.29 26.43
CA ARG C 282 14.82 3.02 26.22
C ARG C 282 13.90 2.04 25.47
N PHE C 283 12.68 1.86 25.97
CA PHE C 283 11.75 0.93 25.35
C PHE C 283 11.47 1.33 23.91
N THR C 284 11.27 2.62 23.68
CA THR C 284 10.93 3.14 22.35
C THR C 284 12.06 2.88 21.33
N GLN C 285 13.29 3.14 21.74
CA GLN C 285 14.45 2.85 20.90
C GLN C 285 14.54 1.38 20.55
N GLN C 286 14.37 0.53 21.55
CA GLN C 286 14.40 -0.91 21.33
C GLN C 286 13.29 -1.39 20.40
N VAL C 287 12.11 -0.77 20.47
CA VAL C 287 11.02 -1.09 19.56
C VAL C 287 11.38 -0.66 18.14
N LEU C 288 12.00 0.50 18.00
CA LEU C 288 12.35 1.01 16.69
C LEU C 288 13.45 0.20 16.01
N THR C 289 14.42 -0.27 16.78
CA THR C 289 15.51 -1.10 16.26
C THR C 289 14.95 -2.38 15.65
N LEU C 290 14.01 -2.98 16.36
CA LEU C 290 13.42 -4.26 15.97
C LEU C 290 12.42 -4.13 14.84
N LEU C 291 11.69 -3.01 14.83
CA LEU C 291 10.56 -2.82 13.92
C LEU C 291 10.82 -3.17 12.45
N PRO C 292 12.00 -2.83 11.89
CA PRO C 292 12.27 -3.24 10.50
C PRO C 292 12.32 -4.75 10.28
N ASP C 293 12.75 -5.52 11.27
CA ASP C 293 12.84 -6.98 11.15
C ASP C 293 11.53 -7.72 11.44
N VAL C 294 10.45 -6.99 11.72
CA VAL C 294 9.18 -7.66 12.01
C VAL C 294 8.61 -8.32 10.74
N GLU C 295 8.23 -9.59 10.85
CA GLU C 295 7.86 -10.39 9.68
C GLU C 295 6.35 -10.47 9.45
N THR C 296 5.58 -10.39 10.53
CA THR C 296 4.13 -10.60 10.49
C THR C 296 3.37 -9.46 11.16
N ARG C 297 2.21 -9.41 10.80
CA ARG C 297 1.36 -8.43 11.45
C ARG C 297 1.22 -8.70 12.95
N GLU C 298 1.06 -9.87 13.25
CA GLU C 298 0.94 -10.31 14.64
C GLU C 298 2.16 -9.90 15.48
N GLN C 299 3.35 -10.03 14.91
CA GLN C 299 4.55 -9.58 15.60
C GLN C 299 4.51 -8.06 15.77
N TYR C 300 4.13 -7.35 14.71
CA TYR C 300 4.04 -5.89 14.77
C TYR C 300 3.09 -5.47 15.86
N PHE C 301 1.94 -6.14 15.93
CA PHE C 301 0.92 -5.71 16.85
C PHE C 301 1.38 -5.87 18.28
N ALA C 302 1.97 -7.03 18.58
CA ALA C 302 2.43 -7.28 19.94
C ALA C 302 3.48 -6.27 20.37
N LEU C 303 4.45 -6.00 19.50
CA LEU C 303 5.50 -5.04 19.78
C LEU C 303 4.91 -3.67 20.09
N VAL C 304 4.02 -3.19 19.23
CA VAL C 304 3.45 -1.86 19.40
C VAL C 304 2.44 -1.79 20.54
N ASN C 305 1.61 -2.82 20.68
CA ASN C 305 0.69 -2.88 21.81
C ASN C 305 1.38 -2.78 23.18
N ALA C 306 2.51 -3.47 23.32
CA ALA C 306 3.22 -3.51 24.59
C ALA C 306 3.70 -2.12 24.99
N LEU C 307 4.37 -1.45 24.07
CA LEU C 307 4.76 -0.06 24.21
C LEU C 307 3.55 0.82 24.45
N ALA C 308 2.46 0.55 23.74
CA ALA C 308 1.29 1.42 23.82
C ALA C 308 0.71 1.46 25.24
N LEU C 309 0.56 0.28 25.84
CA LEU C 309 -0.03 0.21 27.16
C LEU C 309 0.92 0.80 28.19
N TYR C 310 2.22 0.66 27.95
CA TYR C 310 3.19 1.23 28.88
C TYR C 310 3.05 2.74 28.88
N ALA C 311 2.88 3.35 27.72
CA ALA C 311 2.68 4.79 27.63
C ALA C 311 1.35 5.21 28.25
N ASN C 312 0.31 4.43 28.02
CA ASN C 312 -0.99 4.77 28.57
C ASN C 312 -1.02 4.62 30.08
N LEU C 314 1.65 5.19 32.03
CA LEU C 314 2.32 6.40 32.52
C LEU C 314 1.38 7.59 32.64
N ASN C 315 0.46 7.73 31.69
CA ASN C 315 -0.48 8.86 31.73
C ASN C 315 -1.31 8.85 33.01
N THR C 316 -1.74 7.68 33.45
CA THR C 316 -2.52 7.60 34.68
C THR C 316 -1.79 8.16 35.92
N TRP C 317 -0.49 7.96 35.99
CA TRP C 317 0.28 8.49 37.11
C TRP C 317 0.52 9.99 36.99
N ASN C 318 0.52 10.47 35.76
CA ASN C 318 0.52 11.92 35.51
C ASN C 318 -0.78 12.58 35.96
N LEU C 319 -1.91 11.92 35.68
CA LEU C 319 -3.21 12.42 36.13
C LEU C 319 -3.23 12.43 37.65
N HIS C 320 -2.55 11.45 38.24
CA HIS C 320 -2.55 11.32 39.67
C HIS C 320 -1.66 12.36 40.35
N PHE C 321 -0.42 12.47 39.90
CA PHE C 321 0.57 13.24 40.63
C PHE C 321 0.68 14.72 40.29
N PHE C 322 0.24 15.12 39.08
CA PHE C 322 0.38 16.52 38.67
C PHE C 322 -0.23 17.44 39.73
N PRO C 323 0.42 18.60 40.01
CA PRO C 323 -0.11 19.47 41.07
C PRO C 323 -1.32 20.28 40.62
N TRP C 324 -2.48 19.63 40.58
CA TRP C 324 -3.70 20.26 40.13
C TRP C 324 -4.15 21.35 41.09
N GLN C 325 -3.63 21.31 42.32
CA GLN C 325 -4.08 22.19 43.38
C GLN C 325 -3.88 23.69 43.10
N HIS C 326 -3.07 24.04 42.09
CA HIS C 326 -2.91 25.44 41.67
C HIS C 326 -4.22 26.05 41.19
N GLY C 327 -5.17 25.20 40.87
CA GLY C 327 -6.50 25.62 40.41
C GLY C 327 -7.35 26.33 41.42
N THR C 328 -6.89 26.32 42.67
CA THR C 328 -7.45 27.17 43.72
C THR C 328 -7.43 28.66 43.33
N ASP C 329 -6.54 29.05 42.42
CA ASP C 329 -6.46 30.44 41.97
C ASP C 329 -7.01 30.60 40.56
N TYR C 330 -7.86 29.66 40.16
CA TYR C 330 -8.43 29.72 38.84
C TYR C 330 -9.89 29.24 38.91
N ARG C 331 -10.64 29.75 39.87
CA ARG C 331 -12.03 29.34 40.01
C ARG C 331 -12.89 30.15 39.04
N TYR C 332 -14.01 29.57 38.63
CA TYR C 332 -14.93 30.24 37.74
C TYR C 332 -15.70 31.34 38.45
N SER D 19 31.70 23.54 1.88
CA SER D 19 31.64 24.78 1.11
C SER D 19 31.77 26.01 1.97
N HIS D 20 32.31 27.08 1.39
CA HIS D 20 32.50 28.33 2.13
C HIS D 20 31.42 29.34 1.84
N ARG D 23 26.01 33.79 3.71
CA ARG D 23 25.09 34.89 3.50
C ARG D 23 24.79 35.51 4.85
N GLN D 24 24.16 36.68 4.85
CA GLN D 24 23.82 37.29 6.12
C GLN D 24 22.34 37.60 6.23
N ILE D 25 21.81 37.41 7.43
CA ILE D 25 20.42 37.73 7.70
C ILE D 25 20.38 38.68 8.87
N GLU D 26 19.29 39.41 8.99
CA GLU D 26 19.01 40.18 10.18
C GLU D 26 17.82 39.62 10.94
N ILE D 27 17.95 39.55 12.26
CA ILE D 27 16.84 39.14 13.10
C ILE D 27 16.41 40.32 13.94
N GLU D 28 15.15 40.74 13.78
CA GLU D 28 14.63 41.89 14.51
C GLU D 28 13.48 41.53 15.46
N TRP D 29 13.73 41.71 16.76
CA TRP D 29 12.71 41.61 17.77
C TRP D 29 12.09 42.99 17.98
N VAL D 30 10.84 43.13 17.55
CA VAL D 30 10.19 44.44 17.40
C VAL D 30 9.96 45.15 18.73
N GLN D 31 9.28 44.49 19.66
CA GLN D 31 8.88 45.14 20.89
C GLN D 31 10.05 45.51 21.78
N PRO D 32 11.06 44.63 21.90
CA PRO D 32 12.25 45.08 22.64
C PRO D 32 13.20 45.96 21.81
N GLY D 33 12.97 46.05 20.50
CA GLY D 33 13.82 46.87 19.65
C GLY D 33 15.27 46.44 19.62
N ILE D 34 15.49 45.18 19.28
CA ILE D 34 16.82 44.65 19.12
C ILE D 34 16.92 43.97 17.76
N THR D 35 17.94 44.34 17.00
CA THR D 35 18.23 43.71 15.72
C THR D 35 19.65 43.16 15.74
N VAL D 36 19.83 41.91 15.30
CA VAL D 36 21.16 41.34 15.21
C VAL D 36 21.40 40.78 13.83
N THR D 37 22.66 40.53 13.51
CA THR D 37 23.03 39.96 12.24
C THR D 37 23.58 38.56 12.47
N ALA D 38 23.24 37.65 11.56
CA ALA D 38 23.80 36.31 11.65
C ALA D 38 24.37 35.84 10.32
N ASP D 39 25.50 35.16 10.39
CA ASP D 39 26.07 34.51 9.23
C ASP D 39 25.40 33.15 9.02
N LEU D 40 24.84 32.94 7.83
CA LEU D 40 24.34 31.63 7.39
C LEU D 40 25.46 30.89 6.69
N SER D 41 25.60 29.61 6.98
CA SER D 41 26.71 28.84 6.42
C SER D 41 26.25 27.60 5.66
N TRP D 42 26.83 27.40 4.49
CA TRP D 42 26.54 26.25 3.65
C TRP D 42 27.50 25.11 3.98
N GLU D 43 28.35 25.34 4.97
CA GLU D 43 29.42 24.39 5.26
C GLU D 43 28.95 23.00 5.70
N ARG D 44 27.97 22.93 6.60
CA ARG D 44 27.55 21.66 7.17
C ARG D 44 26.15 21.21 6.73
N ASN D 45 25.19 22.12 6.68
CA ASN D 45 23.84 21.81 6.22
C ASN D 45 23.39 22.68 5.05
N PRO D 46 24.07 22.57 3.91
CA PRO D 46 23.79 23.43 2.75
C PRO D 46 22.32 23.38 2.29
N GLU D 47 21.65 22.25 2.41
CA GLU D 47 20.24 22.20 1.99
C GLU D 47 19.35 23.00 2.94
N LEU D 48 19.60 22.88 4.24
CA LEU D 48 18.91 23.75 5.20
C LEU D 48 19.23 25.24 4.97
N ALA D 49 20.51 25.57 4.80
CA ALA D 49 20.88 26.98 4.56
C ALA D 49 20.20 27.52 3.31
N GLU D 50 20.26 26.72 2.23
CA GLU D 50 19.66 27.07 0.95
C GLU D 50 18.16 27.30 1.07
N LEU D 51 17.47 26.38 1.73
CA LEU D 51 16.04 26.51 1.94
C LEU D 51 15.68 27.80 2.72
N LEU D 52 16.40 28.07 3.81
CA LEU D 52 16.17 29.30 4.56
C LEU D 52 16.38 30.50 3.64
N TRP D 53 17.59 30.62 3.09
CA TRP D 53 17.97 31.75 2.26
C TRP D 53 17.10 31.94 1.01
N THR D 54 16.88 30.86 0.26
CA THR D 54 16.18 30.96 -1.00
C THR D 54 14.66 30.84 -0.86
N GLY D 55 14.19 30.01 0.09
CA GLY D 55 12.76 29.71 0.19
C GLY D 55 11.95 30.30 1.32
N LEU D 56 12.59 30.62 2.45
CA LEU D 56 11.86 31.04 3.65
C LEU D 56 11.94 32.54 3.89
N LEU D 57 13.05 33.15 3.51
CA LEU D 57 13.17 34.58 3.75
C LEU D 57 12.39 35.40 2.72
N PRO D 58 11.88 36.57 3.14
CA PRO D 58 11.81 37.06 4.51
C PRO D 58 10.53 36.57 5.18
N TYR D 59 10.50 36.50 6.51
CA TYR D 59 9.29 36.08 7.21
C TYR D 59 9.17 36.79 8.56
N ASN D 60 7.96 36.81 9.13
CA ASN D 60 7.78 37.23 10.52
C ASN D 60 7.14 36.12 11.36
N SER D 61 7.13 36.28 12.67
CA SER D 61 6.74 35.17 13.53
C SER D 61 6.55 35.67 14.94
N LEU D 62 5.92 34.84 15.77
CA LEU D 62 5.79 35.11 17.18
C LEU D 62 7.01 34.55 17.85
N GLN D 63 7.76 35.35 18.60
CA GLN D 63 8.95 34.78 19.25
C GLN D 63 8.60 34.10 20.57
N ASN D 64 8.98 32.83 20.66
CA ASN D 64 8.79 32.09 21.90
C ASN D 64 10.13 31.90 22.59
N HIS D 65 10.08 31.51 23.86
CA HIS D 65 11.28 31.20 24.61
C HIS D 65 11.06 29.77 25.10
N ALA D 66 12.08 28.93 24.96
CA ALA D 66 11.98 27.55 25.45
C ALA D 66 11.61 27.58 26.93
N LEU D 67 10.61 26.78 27.32
CA LEU D 67 10.26 26.69 28.73
C LEU D 67 10.96 25.53 29.41
N VAL D 68 11.56 24.63 28.61
CA VAL D 68 12.23 23.45 29.17
C VAL D 68 13.73 23.41 28.85
N SER D 69 14.09 23.70 27.60
CA SER D 69 15.46 23.47 27.12
C SER D 69 16.53 24.37 27.70
N GLY D 70 16.16 25.57 28.13
CA GLY D 70 17.12 26.53 28.69
C GLY D 70 17.17 27.87 27.94
N ASN D 71 18.35 28.43 27.80
CA ASN D 71 18.41 29.76 27.18
C ASN D 71 18.34 29.67 25.66
N HIS D 72 17.11 29.51 25.20
CA HIS D 72 16.85 29.09 23.85
C HIS D 72 15.64 29.83 23.31
N LEU D 73 15.80 30.45 22.16
CA LEU D 73 14.70 31.15 21.50
C LEU D 73 14.31 30.32 20.29
N TYR D 74 13.02 30.02 20.15
CA TYR D 74 12.56 29.47 18.87
C TYR D 74 11.29 30.18 18.41
N HIS D 75 11.10 30.21 17.09
CA HIS D 75 9.89 30.73 16.51
C HIS D 75 9.43 29.86 15.34
N LEU D 76 8.15 29.95 14.98
CA LEU D 76 7.57 29.08 13.98
C LEU D 76 7.70 29.70 12.58
N ILE D 77 8.22 28.93 11.62
CA ILE D 77 8.23 29.36 10.22
C ILE D 77 7.13 28.64 9.43
N ALA D 78 6.29 29.40 8.73
CA ALA D 78 5.10 28.84 8.10
C ALA D 78 5.36 28.17 6.76
N ASP D 79 6.07 27.04 6.77
CA ASP D 79 6.45 26.40 5.51
C ASP D 79 6.65 24.93 5.77
N PRO D 80 5.90 24.07 5.06
CA PRO D 80 5.96 22.63 5.35
C PRO D 80 7.31 22.01 5.02
N ARG D 81 8.10 22.65 4.18
CA ARG D 81 9.41 22.07 3.86
C ARG D 81 10.32 21.84 5.07
N LEU D 82 10.19 22.67 6.11
CA LEU D 82 10.99 22.45 7.33
C LEU D 82 10.63 21.14 8.06
N VAL D 83 9.39 20.72 7.92
CA VAL D 83 8.92 19.46 8.50
C VAL D 83 9.76 18.27 8.05
N TYR D 84 10.22 18.28 6.80
CA TYR D 84 10.78 17.06 6.18
C TYR D 84 12.11 17.19 5.43
N THR D 85 12.68 18.39 5.36
CA THR D 85 14.00 18.53 4.79
C THR D 85 15.01 18.02 5.82
N GLU D 86 15.91 17.13 5.39
CA GLU D 86 16.83 16.49 6.30
C GLU D 86 18.14 17.26 6.51
N ALA D 87 18.72 17.14 7.69
CA ALA D 87 20.00 17.78 7.98
C ALA D 87 21.15 16.81 7.67
N ARG D 88 22.21 17.28 7.01
CA ARG D 88 23.38 16.44 6.79
C ARG D 88 24.14 16.26 8.08
N TYR D 89 23.94 17.20 8.99
CA TYR D 89 24.83 17.30 10.13
C TYR D 89 24.07 17.76 11.37
N LYS D 90 24.25 17.05 12.48
CA LYS D 90 23.63 17.47 13.71
C LYS D 90 24.64 17.38 14.84
N GLU D 91 24.45 18.20 15.87
CA GLU D 91 25.28 18.11 17.05
C GLU D 91 24.41 18.25 18.30
N ASP D 92 24.97 17.83 19.44
CA ASP D 92 24.41 18.07 20.76
C ASP D 92 24.32 19.59 20.99
N ARG D 93 23.10 20.10 21.09
CA ARG D 93 22.86 21.53 21.09
C ARG D 93 23.38 22.19 22.37
N THR D 94 23.59 21.41 23.42
CA THR D 94 24.19 21.95 24.65
C THR D 94 25.67 22.30 24.46
N LYS D 95 26.29 21.74 23.41
CA LYS D 95 27.71 21.95 23.13
C LYS D 95 27.94 23.04 22.09
N SER D 96 26.88 23.49 21.43
CA SER D 96 27.00 24.55 20.44
C SER D 96 27.26 25.86 21.16
N PRO D 97 28.08 26.73 20.56
CA PRO D 97 28.39 28.04 21.16
C PRO D 97 27.19 28.98 21.14
N ASP D 98 27.05 29.83 22.14
CA ASP D 98 25.95 30.77 22.13
C ASP D 98 25.99 31.54 20.81
N GLY D 99 24.82 31.86 20.29
CA GLY D 99 24.74 32.50 18.98
C GLY D 99 24.39 31.54 17.85
N THR D 100 24.48 30.23 18.09
CA THR D 100 24.21 29.25 17.03
C THR D 100 22.74 29.25 16.58
N VAL D 101 22.54 29.48 15.29
CA VAL D 101 21.21 29.40 14.71
C VAL D 101 20.95 27.97 14.22
N PHE D 102 19.79 27.41 14.57
CA PHE D 102 19.40 26.07 14.12
C PHE D 102 18.07 26.12 13.38
N LEU D 103 17.83 25.13 12.51
CA LEU D 103 16.51 24.88 11.95
C LEU D 103 16.10 23.46 12.34
N SER D 104 14.83 23.26 12.65
CA SER D 104 14.39 21.93 13.11
C SER D 104 13.13 21.46 12.41
N GLN D 105 12.90 20.16 12.46
CA GLN D 105 11.72 19.61 11.80
C GLN D 105 10.44 19.92 12.55
N LEU D 106 10.54 20.58 13.72
CA LEU D 106 9.34 21.12 14.35
C LEU D 106 8.92 22.44 13.71
N GLN D 107 9.55 22.78 12.56
CA GLN D 107 9.29 24.01 11.83
C GLN D 107 9.77 25.28 12.55
N HIS D 108 10.90 25.17 13.24
CA HIS D 108 11.45 26.26 14.03
C HIS D 108 12.72 26.82 13.41
N LEU D 109 12.96 28.11 13.59
CA LEU D 109 14.32 28.62 13.63
C LEU D 109 14.59 28.85 15.12
N ALA D 110 15.72 28.31 15.59
CA ALA D 110 16.11 28.39 16.99
C ALA D 110 17.43 29.12 17.14
N VAL D 111 17.57 29.86 18.23
CA VAL D 111 18.85 30.47 18.56
C VAL D 111 19.22 30.20 20.01
N LYS D 112 20.41 29.63 20.22
CA LYS D 112 20.96 29.47 21.57
C LYS D 112 21.60 30.78 22.05
N TYR D 113 21.27 31.22 23.27
CA TYR D 113 21.87 32.45 23.81
C TYR D 113 22.48 32.24 25.19
N GLY D 114 22.40 31.01 25.69
CA GLY D 114 23.06 30.65 26.91
C GLY D 114 22.93 29.15 27.08
N PRO D 115 23.16 28.65 28.31
CA PRO D 115 23.14 27.23 28.68
C PRO D 115 21.84 26.52 28.30
N LEU D 116 21.98 25.33 27.73
CA LEU D 116 20.83 24.46 27.49
C LEU D 116 21.00 23.19 28.31
N THR D 117 19.87 22.62 28.75
CA THR D 117 19.90 21.31 29.38
C THR D 117 19.57 20.24 28.36
N GLU D 118 18.69 20.56 27.41
CA GLU D 118 18.27 19.62 26.38
C GLU D 118 19.40 19.22 25.44
N TYR D 119 19.94 18.03 25.62
CA TYR D 119 21.06 17.58 24.81
C TYR D 119 20.66 16.88 23.49
N LEU D 120 19.40 17.03 23.08
CA LEU D 120 18.94 16.39 21.85
C LEU D 120 19.68 17.00 20.65
N PRO D 121 20.12 16.16 19.71
CA PRO D 121 20.83 16.65 18.52
C PRO D 121 20.03 17.69 17.74
N ALA D 122 20.72 18.67 17.19
CA ALA D 122 20.08 19.72 16.40
C ALA D 122 20.90 20.07 15.16
N ALA D 123 20.29 20.78 14.24
CA ALA D 123 20.92 21.09 12.97
C ALA D 123 21.27 22.58 12.88
N PRO D 124 22.54 22.94 13.05
CA PRO D 124 22.98 24.34 12.94
C PRO D 124 23.17 24.81 11.49
N VAL D 125 22.78 26.05 11.21
CA VAL D 125 22.90 26.60 9.88
C VAL D 125 23.66 27.91 9.86
N GLY D 126 24.21 28.31 11.01
CA GLY D 126 24.94 29.55 11.11
C GLY D 126 25.05 30.14 12.51
N SER D 127 25.38 31.43 12.59
CA SER D 127 25.69 32.03 13.88
C SER D 127 25.42 33.54 13.86
N VAL D 128 24.84 34.10 14.94
CA VAL D 128 24.79 35.55 15.03
C VAL D 128 26.24 36.00 15.19
N VAL D 129 26.58 37.11 14.54
CA VAL D 129 27.95 37.59 14.48
C VAL D 129 28.47 37.89 15.88
N PRO D 130 29.79 37.75 16.09
CA PRO D 130 30.35 37.92 17.44
C PRO D 130 30.00 39.26 18.09
N GLU D 131 30.01 40.35 17.32
CA GLU D 131 29.78 41.68 17.88
C GLU D 131 28.33 41.88 18.30
N ASP D 132 27.46 40.93 17.96
CA ASP D 132 26.05 41.03 18.30
C ASP D 132 25.61 40.07 19.42
N ILE D 133 26.55 39.34 20.00
CA ILE D 133 26.20 38.35 21.01
C ILE D 133 25.51 38.96 22.22
N ASP D 134 25.99 40.12 22.67
CA ASP D 134 25.39 40.82 23.78
C ASP D 134 23.94 41.15 23.51
N ALA D 135 23.70 41.76 22.36
CA ALA D 135 22.35 42.13 21.95
C ALA D 135 21.42 40.92 21.89
N LEU D 136 21.92 39.78 21.39
CA LEU D 136 21.16 38.52 21.38
C LEU D 136 20.68 38.16 22.77
N ARG D 137 21.61 38.20 23.72
CA ARG D 137 21.31 37.86 25.10
C ARG D 137 20.29 38.80 25.72
N GLU D 138 20.34 40.07 25.34
CA GLU D 138 19.38 41.02 25.89
C GLU D 138 17.98 40.70 25.35
N ALA D 139 17.90 40.47 24.04
CA ALA D 139 16.69 39.91 23.43
C ALA D 139 16.20 38.66 24.15
N GLY D 140 17.12 37.72 24.40
CA GLY D 140 16.79 36.49 25.09
C GLY D 140 16.13 36.74 26.43
N ARG D 141 16.73 37.63 27.23
CA ARG D 141 16.21 37.99 28.55
C ARG D 141 14.87 38.70 28.43
N ALA D 142 14.72 39.50 27.38
CA ALA D 142 13.49 40.24 27.18
C ALA D 142 12.35 39.31 26.75
N CYS D 143 12.68 38.25 26.02
CA CYS D 143 11.66 37.30 25.56
C CYS D 143 11.18 36.43 26.68
N TRP D 144 12.12 35.98 27.51
CA TRP D 144 11.81 35.28 28.75
C TRP D 144 10.87 36.09 29.63
N LYS D 145 11.23 37.36 29.85
CA LYS D 145 10.42 38.31 30.60
C LYS D 145 8.97 38.28 30.16
N ALA D 146 8.77 38.30 28.85
CA ALA D 146 7.43 38.25 28.29
C ALA D 146 6.74 36.91 28.56
N ALA D 147 7.45 35.79 28.46
CA ALA D 147 6.82 34.50 28.70
C ALA D 147 6.56 34.29 30.19
N TRP D 148 7.45 34.81 31.01
CA TRP D 148 7.37 34.52 32.43
C TRP D 148 6.44 35.48 33.14
N GLU D 149 6.45 36.74 32.69
CA GLU D 149 5.89 37.81 33.50
C GLU D 149 4.90 38.71 32.76
N THR D 150 5.36 39.40 31.72
CA THR D 150 4.54 40.44 31.11
C THR D 150 3.45 39.95 30.19
N LYS D 151 3.64 38.77 29.62
CA LYS D 151 2.74 38.24 28.60
C LYS D 151 2.61 39.14 27.37
N GLN D 152 3.49 40.14 27.26
CA GLN D 152 3.59 40.96 26.04
C GLN D 152 4.10 40.18 24.82
N PRO D 153 3.30 40.15 23.74
CA PRO D 153 3.73 39.44 22.52
C PRO D 153 4.93 40.11 21.83
N ILE D 154 5.94 39.30 21.48
CA ILE D 154 7.10 39.79 20.75
C ILE D 154 7.01 39.35 19.29
N GLU D 155 6.92 40.30 18.37
CA GLU D 155 7.01 39.93 16.96
C GLU D 155 8.48 39.89 16.57
N VAL D 156 8.89 38.87 15.82
CA VAL D 156 10.23 38.88 15.29
C VAL D 156 10.12 38.98 13.78
N ARG D 157 11.04 39.71 13.17
CA ARG D 157 11.07 39.85 11.72
C ARG D 157 12.42 39.39 11.26
N VAL D 158 12.45 38.59 10.22
CA VAL D 158 13.70 37.97 9.77
C VAL D 158 13.89 38.25 8.28
N ARG D 159 15.09 38.71 7.92
CA ARG D 159 15.32 39.30 6.59
C ARG D 159 16.69 38.96 6.05
N ARG D 160 16.82 38.93 4.72
CA ARG D 160 18.13 38.94 4.08
C ARG D 160 18.75 40.31 4.37
N LYS D 161 20.04 40.35 4.62
CA LYS D 161 20.65 41.62 4.97
C LYS D 161 20.72 42.55 3.75
N GLY D 162 20.37 43.82 3.96
CA GLY D 162 20.34 44.83 2.91
C GLY D 162 19.06 44.83 2.11
N GLU D 163 18.11 44.01 2.53
CA GLU D 163 16.85 43.83 1.82
C GLU D 163 15.72 44.14 2.79
N ALA D 164 15.20 45.37 2.72
CA ALA D 164 14.11 45.80 3.60
C ALA D 164 12.77 45.28 3.11
N VAL D 165 11.84 45.09 4.04
CA VAL D 165 10.53 44.53 3.71
C VAL D 165 9.47 45.10 4.63
N THR D 166 8.43 45.67 4.05
CA THR D 166 7.31 46.21 4.80
C THR D 166 6.17 45.19 4.98
N ASP D 167 6.10 44.21 4.08
CA ASP D 167 4.96 43.30 4.00
C ASP D 167 5.33 41.84 4.31
N PHE D 168 4.59 41.24 5.25
CA PHE D 168 4.91 39.89 5.73
C PHE D 168 3.77 38.88 5.65
N ALA D 169 3.13 38.74 4.49
CA ALA D 169 2.04 37.77 4.36
C ALA D 169 2.55 36.33 4.55
N LEU D 170 1.68 35.43 4.97
CA LEU D 170 2.08 34.02 5.09
C LEU D 170 2.15 33.36 3.73
N PRO D 171 3.10 32.43 3.58
CA PRO D 171 3.15 31.63 2.35
C PRO D 171 1.85 30.88 2.18
N ARG D 172 1.33 30.90 0.98
CA ARG D 172 0.15 30.13 0.62
C ARG D 172 0.61 28.98 -0.23
N THR D 173 -0.05 27.85 -0.09
CA THR D 173 0.23 26.73 -0.97
C THR D 173 -0.39 27.04 -2.32
N PRO D 174 0.26 26.62 -3.41
CA PRO D 174 -0.25 26.77 -4.78
C PRO D 174 -1.67 26.27 -4.88
N PRO D 175 -2.57 27.09 -5.42
CA PRO D 175 -3.98 26.67 -5.53
C PRO D 175 -4.13 25.36 -6.28
N VAL D 176 -5.08 24.53 -5.83
CA VAL D 176 -5.22 23.18 -6.36
C VAL D 176 -6.44 23.06 -7.27
N ASP D 177 -6.42 22.04 -8.12
CA ASP D 177 -7.37 21.86 -9.21
C ASP D 177 -8.73 21.39 -8.73
N HIS D 178 -9.13 21.88 -7.57
CA HIS D 178 -10.36 21.44 -6.92
C HIS D 178 -10.91 22.60 -6.09
N PRO D 179 -12.16 23.00 -6.36
CA PRO D 179 -12.78 24.19 -5.77
C PRO D 179 -13.05 24.10 -4.26
N GLY D 180 -13.68 23.02 -3.83
CA GLY D 180 -14.04 22.87 -2.44
C GLY D 180 -12.83 22.73 -1.53
N VAL D 181 -11.85 21.94 -1.95
CA VAL D 181 -10.59 21.82 -1.24
C VAL D 181 -9.89 23.17 -1.16
N GLN D 182 -9.80 23.87 -2.28
CA GLN D 182 -9.06 25.13 -2.32
C GLN D 182 -9.74 26.22 -1.50
N LYS D 183 -11.06 26.22 -1.48
CA LYS D 183 -11.77 27.23 -0.72
C LYS D 183 -11.52 27.01 0.77
N LEU D 184 -11.56 25.76 1.21
CA LEU D 184 -11.33 25.46 2.62
C LEU D 184 -9.88 25.73 3.00
N VAL D 185 -8.96 25.43 2.09
CA VAL D 185 -7.55 25.71 2.33
C VAL D 185 -7.33 27.20 2.61
N GLU D 186 -7.86 28.05 1.74
CA GLU D 186 -7.73 29.49 1.91
C GLU D 186 -8.41 29.99 3.19
N GLU D 187 -9.56 29.42 3.52
CA GLU D 187 -10.22 29.84 4.74
C GLU D 187 -9.33 29.62 5.96
N ILE D 188 -8.75 28.43 6.05
CA ILE D 188 -7.84 28.09 7.14
C ILE D 188 -6.57 28.95 7.14
N GLN D 189 -5.93 29.07 5.98
CA GLN D 189 -4.72 29.86 5.89
C GLN D 189 -4.97 31.34 6.19
N ASP D 190 -6.16 31.83 5.86
CA ASP D 190 -6.50 33.22 6.17
C ASP D 190 -6.63 33.44 7.68
N GLU D 191 -7.27 32.47 8.35
CA GLU D 191 -7.43 32.56 9.80
C GLU D 191 -6.08 32.46 10.48
N THR D 192 -5.23 31.57 10.01
CA THR D 192 -3.89 31.39 10.57
C THR D 192 -3.12 32.71 10.48
N GLU D 193 -3.15 33.31 9.30
CA GLU D 193 -2.48 34.60 9.09
C GLU D 193 -3.02 35.71 10.00
N ARG D 194 -4.33 35.69 10.22
CA ARG D 194 -5.02 36.71 10.99
C ARG D 194 -4.53 36.81 12.44
N VAL D 195 -4.28 35.65 13.05
CA VAL D 195 -3.84 35.54 14.44
C VAL D 195 -2.38 35.06 14.54
N TRP D 196 -1.62 35.32 13.49
CA TRP D 196 -0.21 34.95 13.43
C TRP D 196 0.60 35.69 14.49
N ILE D 197 0.44 37.01 14.58
CA ILE D 197 1.12 37.76 15.63
C ILE D 197 0.16 38.57 16.52
N THR D 198 -1.13 38.43 16.28
CA THR D 198 -2.14 39.04 17.11
C THR D 198 -2.83 37.89 17.86
N PRO D 199 -2.90 37.99 19.20
CA PRO D 199 -3.50 36.95 20.06
C PRO D 199 -4.89 36.49 19.62
N PRO D 200 -5.08 35.17 19.42
CA PRO D 200 -6.39 34.56 19.14
C PRO D 200 -7.30 34.63 20.37
N ALA D 201 -8.52 35.13 20.19
CA ALA D 201 -9.47 35.28 21.29
C ALA D 201 -9.75 33.97 22.00
N GLU D 202 -9.84 32.88 21.24
CA GLU D 202 -10.17 31.60 21.83
C GLU D 202 -9.09 31.19 22.83
N ILE D 203 -7.85 31.56 22.55
CA ILE D 203 -6.76 31.21 23.45
C ILE D 203 -6.77 32.14 24.65
N VAL D 204 -6.86 33.44 24.37
CA VAL D 204 -6.92 34.44 25.44
C VAL D 204 -8.13 34.25 26.34
N ASP D 205 -9.29 33.99 25.74
CA ASP D 205 -10.49 33.75 26.53
C ASP D 205 -10.32 32.64 27.57
N HIS D 207 -7.48 31.37 28.84
CA HIS D 207 -6.48 31.73 29.84
C HIS D 207 -7.03 32.74 30.83
N GLN D 208 -8.15 33.37 30.47
CA GLN D 208 -8.77 34.36 31.36
C GLN D 208 -10.03 33.79 32.00
N GLY D 209 -10.30 32.52 31.74
CA GLY D 209 -11.40 31.83 32.38
C GLY D 209 -12.74 32.03 31.69
N ARG D 210 -12.75 32.81 30.61
CA ARG D 210 -13.99 32.98 29.84
C ARG D 210 -14.22 31.79 28.91
N ILE D 211 -14.77 30.71 29.47
CA ILE D 211 -14.90 29.44 28.77
C ILE D 211 -16.34 28.97 28.77
N ALA D 212 -16.98 28.98 27.60
CA ALA D 212 -18.41 28.70 27.49
C ALA D 212 -18.87 27.34 28.02
N SER D 213 -18.06 26.30 27.83
CA SER D 213 -18.46 24.97 28.26
C SER D 213 -18.22 24.72 29.75
N ARG D 214 -17.57 25.68 30.42
CA ARG D 214 -17.27 25.61 31.85
C ARG D 214 -16.30 24.47 32.17
N ALA D 215 -15.55 24.04 31.16
CA ALA D 215 -14.66 22.88 31.28
C ALA D 215 -13.68 23.04 32.43
N GLY D 216 -13.51 21.96 33.20
CA GLY D 216 -12.81 21.98 34.46
C GLY D 216 -13.62 21.30 35.56
N SER D 217 -13.03 20.30 36.20
CA SER D 217 -13.68 19.63 37.30
C SER D 217 -13.62 20.50 38.55
N TYR D 218 -14.69 20.46 39.34
CA TYR D 218 -14.82 21.23 40.57
C TYR D 218 -14.60 22.74 40.41
N ASP D 219 -15.24 23.31 39.40
CA ASP D 219 -15.37 24.76 39.23
C ASP D 219 -14.06 25.55 39.10
N GLN D 220 -13.02 24.91 38.57
CA GLN D 220 -11.78 25.61 38.30
C GLN D 220 -11.34 25.26 36.89
N TYR D 221 -10.46 26.05 36.30
CA TYR D 221 -10.07 25.83 34.89
C TYR D 221 -8.57 25.73 34.69
N PHE D 222 -7.83 25.62 35.78
CA PHE D 222 -6.40 25.43 35.69
C PHE D 222 -6.07 24.12 34.99
N SER D 223 -6.79 23.06 35.36
CA SER D 223 -6.59 21.78 34.70
C SER D 223 -6.89 21.89 33.20
N THR D 224 -7.89 22.69 32.84
CA THR D 224 -8.25 22.86 31.44
C THR D 224 -7.08 23.47 30.65
N LEU D 225 -6.42 24.47 31.24
CA LEU D 225 -5.31 25.15 30.58
C LEU D 225 -4.11 24.22 30.41
N VAL D 226 -3.93 23.31 31.36
CA VAL D 226 -2.90 22.29 31.28
C VAL D 226 -3.16 21.32 30.10
N PHE D 227 -4.41 20.90 29.98
CA PHE D 227 -4.82 20.01 28.91
C PHE D 227 -4.81 20.74 27.59
N LEU D 228 -5.13 22.03 27.62
CA LEU D 228 -5.10 22.84 26.40
C LEU D 228 -3.68 22.85 25.83
N ASN D 229 -2.74 23.11 26.73
CA ASN D 229 -1.33 23.24 26.40
C ASN D 229 -0.80 21.93 25.89
N GLY D 230 -1.23 20.87 26.54
CA GLY D 230 -0.70 19.55 26.28
C GLY D 230 -1.22 18.90 25.02
N GLU D 231 -2.49 19.14 24.68
CA GLU D 231 -3.11 18.48 23.54
C GLU D 231 -2.82 19.15 22.21
N VAL D 232 -2.82 20.48 22.20
CA VAL D 232 -2.59 21.23 20.97
C VAL D 232 -1.22 20.93 20.39
N ARG D 233 -0.20 20.97 21.24
CA ARG D 233 1.17 20.82 20.77
C ARG D 233 1.47 19.53 19.96
N PRO D 234 1.26 18.33 20.55
CA PRO D 234 1.47 17.13 19.73
C PRO D 234 0.49 17.01 18.56
N LEU D 235 -0.76 17.46 18.74
CA LEU D 235 -1.68 17.46 17.60
C LEU D 235 -1.04 18.18 16.41
N GLY D 236 -0.34 19.28 16.68
CA GLY D 236 0.34 20.05 15.65
C GLY D 236 1.61 19.39 15.14
N TYR D 237 2.56 19.13 16.04
CA TYR D 237 3.89 18.71 15.61
C TYR D 237 4.05 17.24 15.28
N CYS D 238 3.20 16.41 15.88
CA CYS D 238 3.34 14.97 15.78
C CYS D 238 2.33 14.36 14.78
N ALA D 239 1.04 14.57 15.03
CA ALA D 239 -0.02 13.97 14.24
C ALA D 239 -0.15 14.65 12.88
N LEU D 240 -0.40 15.96 12.90
CA LEU D 240 -0.63 16.67 11.64
C LEU D 240 0.64 16.79 10.83
N ASN D 241 1.71 17.24 11.45
CA ASN D 241 2.96 17.31 10.72
C ASN D 241 3.50 15.94 10.37
N GLY D 242 3.18 14.95 11.20
CA GLY D 242 3.61 13.58 10.93
C GLY D 242 3.00 13.11 9.62
N LEU D 243 1.75 13.50 9.41
CA LEU D 243 1.04 13.15 8.19
C LEU D 243 1.68 13.84 6.98
N LEU D 244 2.09 15.09 7.14
CA LEU D 244 2.77 15.82 6.07
C LEU D 244 4.07 15.12 5.74
N LYS D 245 4.77 14.65 6.78
CA LYS D 245 6.06 14.03 6.59
C LYS D 245 5.93 12.70 5.85
N ILE D 246 4.91 11.93 6.24
CA ILE D 246 4.62 10.68 5.57
C ILE D 246 4.27 10.91 4.09
N CYS D 247 3.46 11.90 3.82
CA CYS D 247 2.98 12.15 2.46
C CYS D 247 4.09 12.59 1.54
N ARG D 248 5.10 13.24 2.09
CA ARG D 248 6.15 13.84 1.26
C ARG D 248 7.40 12.99 1.20
N THR D 249 7.60 12.14 2.21
CA THR D 249 8.83 11.34 2.28
C THR D 249 8.59 9.85 2.07
N THR D 250 7.33 9.44 1.98
CA THR D 250 7.02 8.07 1.59
C THR D 250 6.05 8.09 0.43
N ASP D 251 5.88 6.93 -0.20
CA ASP D 251 4.92 6.79 -1.28
C ASP D 251 3.67 5.99 -0.86
N LEU D 252 3.32 6.09 0.42
CA LEU D 252 2.01 5.65 0.88
C LEU D 252 0.96 6.10 -0.11
N THR D 253 0.04 5.21 -0.48
CA THR D 253 -0.97 5.60 -1.45
C THR D 253 -1.86 6.71 -0.92
N LEU D 254 -2.47 7.45 -1.84
CA LEU D 254 -3.44 8.47 -1.46
C LEU D 254 -4.58 7.83 -0.66
N ASN D 255 -4.96 6.64 -1.07
CA ASN D 255 -6.07 5.93 -0.47
C ASN D 255 -5.78 5.63 0.97
N ASP D 256 -4.52 5.28 1.24
CA ASP D 256 -4.09 5.02 2.60
C ASP D 256 -3.91 6.30 3.46
N LEU D 257 -3.37 7.36 2.85
CA LEU D 257 -3.24 8.64 3.53
C LEU D 257 -4.62 9.10 4.00
N LYS D 258 -5.63 8.84 3.19
CA LYS D 258 -6.97 9.24 3.57
C LYS D 258 -7.48 8.43 4.75
N ARG D 259 -7.17 7.13 4.75
CA ARG D 259 -7.78 6.23 5.71
C ARG D 259 -7.25 6.48 7.10
N ILE D 260 -5.97 6.76 7.20
CA ILE D 260 -5.32 6.81 8.49
C ILE D 260 -5.46 8.18 9.14
N THR D 261 -5.85 9.18 8.36
CA THR D 261 -5.84 10.56 8.83
C THR D 261 -6.78 10.86 10.02
N PRO D 262 -8.07 10.47 9.92
CA PRO D 262 -8.97 10.80 11.04
C PRO D 262 -8.50 10.20 12.37
N THR D 263 -7.84 9.04 12.30
CA THR D 263 -7.40 8.32 13.49
C THR D 263 -6.47 9.17 14.35
N PHE D 264 -5.63 9.95 13.70
CA PHE D 264 -4.65 10.72 14.44
C PHE D 264 -5.07 12.15 14.80
N ILE D 265 -6.16 12.65 14.22
CA ILE D 265 -6.46 14.06 14.41
C ILE D 265 -7.85 14.39 14.96
N LYS D 266 -8.76 13.43 14.89
CA LYS D 266 -10.16 13.69 15.27
C LYS D 266 -10.34 13.91 16.77
N THR D 267 -10.15 12.85 17.54
CA THR D 267 -10.33 12.89 18.99
C THR D 267 -9.70 14.09 19.73
N PRO D 268 -8.41 14.41 19.46
CA PRO D 268 -7.85 15.59 20.15
C PRO D 268 -8.57 16.88 19.76
N ALA D 269 -8.84 17.06 18.48
CA ALA D 269 -9.57 18.24 18.04
C ALA D 269 -10.96 18.32 18.68
N GLU D 270 -11.61 17.18 18.87
CA GLU D 270 -12.98 17.19 19.40
C GLU D 270 -13.00 17.53 20.88
N PHE D 271 -12.05 16.97 21.64
CA PHE D 271 -11.91 17.30 23.04
C PHE D 271 -11.54 18.78 23.17
N LEU D 272 -10.63 19.24 22.32
CA LEU D 272 -10.19 20.64 22.37
C LEU D 272 -11.34 21.60 22.04
N GLY D 273 -12.22 21.19 21.14
CA GLY D 273 -13.41 21.98 20.84
C GLY D 273 -14.23 22.24 22.08
N TYR D 274 -14.52 21.18 22.83
CA TYR D 274 -15.29 21.29 24.05
C TYR D 274 -14.60 22.18 25.08
N THR D 275 -13.28 22.11 25.17
CA THR D 275 -12.59 22.95 26.16
C THR D 275 -12.59 24.42 25.78
N GLY D 276 -12.82 24.71 24.49
CA GLY D 276 -12.96 26.08 24.05
C GLY D 276 -12.36 26.45 22.71
N LEU D 277 -11.69 25.50 22.06
CA LEU D 277 -11.12 25.79 20.75
C LEU D 277 -12.11 25.45 19.62
N ASP D 278 -13.13 26.30 19.46
CA ASP D 278 -14.20 26.06 18.51
C ASP D 278 -13.73 26.08 17.06
N THR D 279 -12.78 26.95 16.77
CA THR D 279 -12.28 27.11 15.40
C THR D 279 -11.45 25.88 15.00
N LEU D 280 -10.61 25.37 15.90
CA LEU D 280 -9.84 24.17 15.60
C LEU D 280 -10.76 23.00 15.29
N TRP D 281 -11.80 22.84 16.10
CA TRP D 281 -12.73 21.74 15.93
C TRP D 281 -13.59 21.88 14.67
N ARG D 282 -14.05 23.10 14.41
CA ARG D 282 -14.83 23.34 13.19
C ARG D 282 -13.98 23.05 11.93
N PHE D 283 -12.75 23.57 11.93
CA PHE D 283 -11.82 23.38 10.82
C PHE D 283 -11.54 21.91 10.62
N THR D 284 -11.31 21.20 11.73
CA THR D 284 -11.06 19.76 11.65
C THR D 284 -12.22 18.97 11.05
N GLN D 285 -13.44 19.26 11.48
CA GLN D 285 -14.60 18.55 10.95
C GLN D 285 -14.72 18.82 9.45
N GLN D 286 -14.45 20.06 9.05
CA GLN D 286 -14.55 20.42 7.64
C GLN D 286 -13.53 19.66 6.81
N VAL D 287 -12.31 19.57 7.32
CA VAL D 287 -11.27 18.72 6.71
C VAL D 287 -11.70 17.24 6.66
N LEU D 288 -12.18 16.70 7.77
CA LEU D 288 -12.58 15.30 7.79
C LEU D 288 -13.72 14.98 6.82
N THR D 289 -14.61 15.95 6.60
CA THR D 289 -15.73 15.76 5.68
C THR D 289 -15.27 15.76 4.24
N LEU D 290 -14.39 16.69 3.93
CA LEU D 290 -13.89 16.87 2.59
C LEU D 290 -12.94 15.76 2.18
N LEU D 291 -12.21 15.25 3.17
CA LEU D 291 -11.09 14.32 2.96
C LEU D 291 -11.35 13.13 2.05
N PRO D 292 -12.44 12.38 2.28
CA PRO D 292 -12.66 11.19 1.46
C PRO D 292 -12.80 11.50 -0.03
N ASP D 293 -13.08 12.76 -0.36
CA ASP D 293 -13.32 13.19 -1.73
C ASP D 293 -12.09 13.74 -2.44
N VAL D 294 -10.98 13.86 -1.72
CA VAL D 294 -9.72 14.32 -2.31
C VAL D 294 -9.27 13.41 -3.48
N GLU D 295 -8.80 14.01 -4.56
CA GLU D 295 -8.51 13.23 -5.75
C GLU D 295 -7.02 13.07 -5.99
N THR D 296 -6.21 14.00 -5.49
CA THR D 296 -4.78 13.95 -5.75
C THR D 296 -3.98 14.09 -4.46
N ARG D 297 -2.77 13.65 -4.46
CA ARG D 297 -1.90 13.80 -3.32
C ARG D 297 -1.77 15.28 -2.98
N GLU D 298 -1.63 16.08 -4.02
CA GLU D 298 -1.46 17.51 -3.81
C GLU D 298 -2.66 18.15 -3.15
N GLN D 299 -3.86 17.71 -3.50
CA GLN D 299 -5.06 18.19 -2.82
C GLN D 299 -5.05 17.74 -1.35
N TYR D 300 -4.65 16.49 -1.12
CA TYR D 300 -4.48 15.98 0.25
C TYR D 300 -3.51 16.85 1.04
N PHE D 301 -2.36 17.13 0.45
CA PHE D 301 -1.32 17.88 1.13
C PHE D 301 -1.78 19.27 1.54
N ALA D 302 -2.39 20.00 0.63
CA ALA D 302 -2.84 21.38 0.89
C ALA D 302 -3.81 21.41 2.06
N LEU D 303 -4.74 20.47 2.05
CA LEU D 303 -5.79 20.39 3.03
C LEU D 303 -5.19 20.17 4.42
N VAL D 304 -4.46 19.06 4.57
CA VAL D 304 -3.81 18.72 5.82
C VAL D 304 -2.75 19.77 6.25
N ASN D 305 -1.96 20.24 5.30
CA ASN D 305 -0.98 21.29 5.58
C ASN D 305 -1.61 22.56 6.18
N ALA D 306 -2.77 22.94 5.65
CA ALA D 306 -3.48 24.12 6.15
C ALA D 306 -3.84 23.92 7.62
N LEU D 307 -4.39 22.74 7.92
CA LEU D 307 -4.87 22.43 9.26
C LEU D 307 -3.70 22.27 10.22
N ALA D 308 -2.65 21.61 9.74
CA ALA D 308 -1.44 21.42 10.53
C ALA D 308 -0.86 22.75 10.99
N LEU D 309 -0.76 23.69 10.06
CA LEU D 309 -0.09 24.95 10.36
C LEU D 309 -0.89 25.72 11.40
N TYR D 310 -2.21 25.70 11.24
CA TYR D 310 -3.10 26.33 12.19
C TYR D 310 -2.88 25.82 13.63
N ALA D 311 -2.75 24.49 13.80
CA ALA D 311 -2.58 23.90 15.13
C ALA D 311 -1.20 24.22 15.71
N ASN D 312 -0.19 24.23 14.84
CA ASN D 312 1.14 24.62 15.24
C ASN D 312 1.18 26.08 15.65
N LEU D 314 -1.45 27.78 17.05
CA LEU D 314 -2.06 27.85 18.39
C LEU D 314 -1.06 27.49 19.49
N ASN D 315 -0.23 26.47 19.25
CA ASN D 315 0.79 26.07 20.21
C ASN D 315 1.67 27.24 20.61
N THR D 316 2.05 28.08 19.64
CA THR D 316 2.90 29.22 19.95
C THR D 316 2.23 30.13 21.00
N TRP D 317 0.94 30.38 20.84
CA TRP D 317 0.19 31.17 21.81
C TRP D 317 0.02 30.45 23.14
N ASN D 318 -0.06 29.11 23.13
CA ASN D 318 -0.11 28.38 24.39
C ASN D 318 1.22 28.53 25.14
N LEU D 319 2.34 28.41 24.41
CA LEU D 319 3.65 28.65 24.98
C LEU D 319 3.79 30.08 25.46
N HIS D 320 3.13 31.00 24.78
CA HIS D 320 3.14 32.39 25.23
C HIS D 320 2.31 32.66 26.49
N PHE D 321 1.08 32.17 26.52
CA PHE D 321 0.11 32.58 27.54
C PHE D 321 0.04 31.69 28.79
N PHE D 322 0.64 30.50 28.74
CA PHE D 322 0.45 29.60 29.87
C PHE D 322 1.15 30.18 31.10
N PRO D 323 0.50 30.12 32.27
CA PRO D 323 1.09 30.75 33.45
C PRO D 323 2.27 29.95 34.03
N TRP D 324 3.42 30.09 33.40
CA TRP D 324 4.64 29.42 33.80
C TRP D 324 5.11 29.86 35.17
N GLN D 325 4.60 31.00 35.63
CA GLN D 325 5.11 31.69 36.83
C GLN D 325 4.99 30.90 38.15
N HIS D 326 4.06 29.95 38.20
CA HIS D 326 4.00 29.04 39.36
C HIS D 326 5.34 28.33 39.58
N GLY D 327 6.19 28.32 38.54
CA GLY D 327 7.53 27.77 38.61
C GLY D 327 8.40 28.35 39.72
N THR D 328 7.99 29.48 40.30
CA THR D 328 8.66 30.03 41.48
C THR D 328 8.67 29.06 42.67
N ASP D 329 7.67 28.18 42.75
CA ASP D 329 7.60 27.15 43.81
C ASP D 329 8.25 25.84 43.43
N TYR D 330 8.99 25.83 42.32
CA TYR D 330 9.60 24.60 41.82
C TYR D 330 11.03 24.86 41.38
N ARG D 331 11.77 25.61 42.18
CA ARG D 331 13.17 25.87 41.89
C ARG D 331 13.96 24.61 42.21
N TYR D 332 15.03 24.38 41.46
CA TYR D 332 15.89 23.24 41.76
C TYR D 332 16.60 23.36 43.11
#